data_8AYZ
#
_entry.id   8AYZ
#
_cell.length_a   1.00
_cell.length_b   1.00
_cell.length_c   1.00
_cell.angle_alpha   90.00
_cell.angle_beta   90.00
_cell.angle_gamma   90.00
#
_symmetry.space_group_name_H-M   'P 1'
#
loop_
_entity.id
_entity.type
_entity.pdbx_description
1 polymer 'Capsid protein, VP1'
2 polymer 'Capsid protein, VP0'
3 polymer 'Capsid protein, VP3'
4 non-polymer SPHINGOSINE
5 non-polymer '4-[[4-[1,3-bis(oxidanylidene)isoindol-2-yl]phenyl]sulfonylamino]benzoic acid'
6 water water
#
loop_
_entity_poly.entity_id
_entity_poly.type
_entity_poly.pdbx_seq_one_letter_code
_entity_poly.pdbx_strand_id
1 'polypeptide(L)'
;GLGDLIEGVVEGVTRNALTPLTPANNLPDTQSSGPAHSKETPALTAVETGATNPLVPSDTVQTRHVIQKRTRSESTVESF
FARGACVAIIEVDNDAPTKRASKLFSVWKITYKDTVQLRRKLEFFTYSRFDMEFTFVVTSNYTDANNGHALNQVYQIMYI
PPGAPIPGKWNDYTWQTSSNPSVFYTYGAPPARISVPYVGIANAYSHFYDGFAKVPLAGQASTEGDSLYGAASLNDFGSL
AVRVVNDHNPTKLTSKIRVYMKPKHVRVWCPRPPRAVPYYGPGVDYKDGLAPLPEKGLTTY
;
A
2 'polypeptide(L)'
;MGAQVSSQKVGAHENSNRAYGGSTINYTTINYYRDSASNAASKQDFAQDPSKFTEPIKDVLIKTAPTLNSPNIEACGYSD
RVMQLTLGNSTITTQEAANSVVAYGRWPEYIKDSEANPVDQPTEPDVAACRFYTLDTVTWRKESRGWWWKLPDALKDMGL
FGQNMFYHYLGRAGYTVHVQCNASKFHQGALGVFAVPEMCLAGDSTTHMFTKYENANPGEKGGEFKGSFTLDTNATNPAR
NFCPVDYLFGSGVLAGNAFVYPHQIINLRTNNCATLVLPYVNSLSIDSMTKHNNWGIAILPLAPLDFATESSTEIPITLT
IAPMCCEFNGLRNITVPRTQ
;
B
3 'polypeptide(L)'
;GLPVLNTPGSNQYLTADNYQSPCAIPEFDVTPPIDIPGEVRNMMELAEIDTMIPLNLTNQRKNTMDMYRVELNDAAHSDT
PILCLSLSPASDPRLAHTMLGEILNYYTHWAGSLKFTFLFCGSMMATGKLLVSYAPPGAEAPKSRKEAMLGTHVIWDIGL
QSSCTMVVPWISNTTYRQTINDSFTEGGYISMFYQTRVVVPLSTPRKMDILGFVSACNDFSVRLLRDTTHISQEAMPQ
;
C
#
loop_
_chem_comp.id
_chem_comp.type
_chem_comp.name
_chem_comp.formula
FHK non-polymer '4-[[4-[1,3-bis(oxidanylidene)isoindol-2-yl]phenyl]sulfonylamino]benzoic acid' 'C21 H14 N2 O6 S'
SPH non-polymer SPHINGOSINE 'C18 H37 N O2'
#
# COMPACT_ATOMS: atom_id res chain seq x y z
N ALA A 24 -10.44 16.94 5.64
CA ALA A 24 -11.72 17.15 6.30
C ALA A 24 -12.54 18.17 5.55
N ASN A 25 -12.17 18.42 4.30
CA ASN A 25 -12.83 19.45 3.51
C ASN A 25 -14.22 18.99 3.09
N ASN A 26 -15.10 19.96 2.84
CA ASN A 26 -16.42 19.66 2.32
C ASN A 26 -16.30 19.14 0.89
N LEU A 27 -17.44 18.77 0.31
CA LEU A 27 -17.47 18.17 -1.01
C LEU A 27 -18.14 19.10 -2.02
N PRO A 28 -17.76 19.04 -3.30
CA PRO A 28 -18.37 19.92 -4.29
C PRO A 28 -19.85 19.62 -4.47
N ASP A 29 -20.62 20.66 -4.71
CA ASP A 29 -22.03 20.50 -5.03
C ASP A 29 -22.19 19.85 -6.40
N THR A 30 -23.28 19.11 -6.57
CA THR A 30 -23.65 18.60 -7.88
C THR A 30 -24.40 19.67 -8.65
N GLN A 31 -23.96 19.95 -9.86
CA GLN A 31 -24.56 20.98 -10.69
C GLN A 31 -25.61 20.38 -11.62
N SER A 32 -26.67 21.13 -11.86
CA SER A 32 -27.69 20.68 -12.80
C SER A 32 -27.06 20.53 -14.19
N SER A 33 -27.38 19.42 -14.85
CA SER A 33 -26.86 19.14 -16.18
C SER A 33 -27.99 18.61 -17.06
N GLY A 34 -28.18 19.23 -18.21
CA GLY A 34 -29.24 18.86 -19.12
C GLY A 34 -28.75 17.95 -20.23
N PRO A 35 -29.55 17.82 -21.29
CA PRO A 35 -29.15 16.99 -22.42
C PRO A 35 -27.86 17.48 -23.06
N ALA A 36 -27.09 16.55 -23.60
CA ALA A 36 -25.84 16.84 -24.27
C ALA A 36 -25.84 16.24 -25.66
N HIS A 37 -25.37 17.02 -26.64
CA HIS A 37 -25.21 16.56 -28.01
C HIS A 37 -24.04 17.33 -28.60
N SER A 38 -22.85 16.74 -28.53
CA SER A 38 -21.64 17.46 -28.90
C SER A 38 -20.51 16.47 -29.14
N LYS A 39 -19.38 17.02 -29.59
CA LYS A 39 -18.20 16.21 -29.91
C LYS A 39 -17.33 15.94 -28.69
N GLU A 40 -17.57 16.62 -27.56
CA GLU A 40 -16.86 16.30 -26.33
C GLU A 40 -17.39 14.98 -25.78
N THR A 41 -16.47 14.05 -25.48
CA THR A 41 -16.82 12.70 -25.06
C THR A 41 -16.08 12.37 -23.77
N PRO A 42 -16.51 12.92 -22.64
CA PRO A 42 -15.87 12.59 -21.37
C PRO A 42 -15.94 11.11 -21.02
N ALA A 43 -16.96 10.40 -21.50
CA ALA A 43 -17.10 8.99 -21.17
C ALA A 43 -15.92 8.18 -21.70
N LEU A 44 -15.49 8.48 -22.92
CA LEU A 44 -14.36 7.78 -23.51
C LEU A 44 -13.05 8.34 -22.99
N THR A 45 -12.09 7.45 -22.74
CA THR A 45 -10.79 7.83 -22.21
C THR A 45 -9.78 6.77 -22.62
N ALA A 46 -8.59 6.84 -22.04
CA ALA A 46 -7.52 5.87 -22.31
C ALA A 46 -6.78 5.64 -20.99
N VAL A 47 -7.13 4.56 -20.30
CA VAL A 47 -6.46 4.22 -19.05
C VAL A 47 -4.99 3.89 -19.26
N GLU A 48 -4.56 3.69 -20.51
CA GLU A 48 -3.15 3.42 -20.77
C GLU A 48 -2.25 4.53 -20.25
N THR A 49 -2.75 5.77 -20.25
CA THR A 49 -1.93 6.89 -19.80
C THR A 49 -1.54 6.79 -18.34
N GLY A 50 -2.23 5.95 -17.57
CA GLY A 50 -1.97 5.83 -16.15
C GLY A 50 -2.80 6.74 -15.28
N ALA A 51 -3.65 7.58 -15.86
CA ALA A 51 -4.47 8.52 -15.11
C ALA A 51 -5.88 7.99 -14.96
N THR A 52 -6.55 8.44 -13.91
CA THR A 52 -7.94 8.07 -13.64
C THR A 52 -8.87 9.14 -14.21
N ASN A 53 -9.86 8.71 -14.98
CA ASN A 53 -10.79 9.64 -15.61
C ASN A 53 -11.59 10.36 -14.53
N PRO A 54 -11.43 11.68 -14.37
CA PRO A 54 -12.09 12.39 -13.26
C PRO A 54 -13.51 12.83 -13.62
N LEU A 55 -14.38 11.87 -13.90
CA LEU A 55 -15.74 12.18 -14.31
C LEU A 55 -16.64 12.37 -13.10
N VAL A 56 -17.66 13.20 -13.28
CA VAL A 56 -18.73 13.37 -12.29
C VAL A 56 -20.02 12.92 -12.94
N PRO A 57 -21.06 12.65 -12.14
CA PRO A 57 -22.32 12.16 -12.72
C PRO A 57 -22.86 13.04 -13.85
N SER A 58 -22.69 14.35 -13.75
CA SER A 58 -23.19 15.25 -14.79
C SER A 58 -22.51 15.03 -16.13
N ASP A 59 -21.39 14.31 -16.16
CA ASP A 59 -20.70 14.04 -17.42
C ASP A 59 -21.40 12.99 -18.27
N THR A 60 -22.24 12.14 -17.67
CA THR A 60 -22.84 11.02 -18.39
C THR A 60 -24.35 10.89 -18.21
N VAL A 61 -24.95 11.57 -17.24
CA VAL A 61 -26.40 11.55 -17.07
C VAL A 61 -26.87 12.97 -16.75
N GLN A 62 -28.17 13.19 -16.89
CA GLN A 62 -28.76 14.45 -16.47
C GLN A 62 -28.86 14.48 -14.95
N THR A 63 -28.40 15.56 -14.35
CA THR A 63 -28.35 15.69 -12.90
C THR A 63 -29.09 16.94 -12.48
N ARG A 64 -29.61 16.92 -11.26
CA ARG A 64 -30.18 18.10 -10.64
C ARG A 64 -29.10 18.83 -9.84
N HIS A 65 -29.46 20.00 -9.34
CA HIS A 65 -28.59 20.73 -8.44
C HIS A 65 -28.73 20.17 -7.04
N VAL A 66 -27.61 19.78 -6.43
CA VAL A 66 -27.58 19.24 -5.08
C VAL A 66 -26.54 20.02 -4.28
N ILE A 67 -26.97 20.65 -3.20
CA ILE A 67 -26.05 21.31 -2.29
C ILE A 67 -25.45 20.24 -1.39
N GLN A 68 -24.20 19.88 -1.65
CA GLN A 68 -23.56 18.76 -0.95
C GLN A 68 -23.15 19.19 0.45
N LYS A 69 -23.55 18.40 1.45
CA LYS A 69 -23.22 18.67 2.83
C LYS A 69 -22.34 17.62 3.47
N ARG A 70 -22.09 16.49 2.81
CA ARG A 70 -21.18 15.49 3.35
C ARG A 70 -19.74 15.99 3.28
N THR A 71 -18.94 15.55 4.25
CA THR A 71 -17.53 15.91 4.31
C THR A 71 -16.71 14.65 4.57
N ARG A 72 -15.40 14.78 4.38
CA ARG A 72 -14.45 13.69 4.58
C ARG A 72 -13.67 13.84 5.88
N SER A 73 -14.32 14.34 6.92
CA SER A 73 -13.63 14.61 8.17
C SER A 73 -13.09 13.33 8.82
N GLU A 74 -13.77 12.21 8.64
CA GLU A 74 -13.38 10.99 9.32
C GLU A 74 -12.47 10.10 8.50
N SER A 75 -12.09 10.51 7.29
CA SER A 75 -11.15 9.76 6.48
C SER A 75 -9.81 10.47 6.32
N THR A 76 -9.59 11.57 7.02
CA THR A 76 -8.25 12.10 7.13
C THR A 76 -7.35 11.02 7.70
N VAL A 77 -6.06 11.08 7.35
CA VAL A 77 -5.13 10.09 7.87
C VAL A 77 -5.09 10.14 9.39
N GLU A 78 -5.14 11.35 9.95
CA GLU A 78 -5.19 11.49 11.40
C GLU A 78 -6.40 10.76 11.98
N SER A 79 -7.58 11.02 11.42
CA SER A 79 -8.78 10.33 11.90
C SER A 79 -8.69 8.84 11.65
N PHE A 80 -8.05 8.43 10.57
CA PHE A 80 -7.92 7.02 10.26
C PHE A 80 -7.08 6.29 11.31
N PHE A 81 -6.06 6.96 11.84
CA PHE A 81 -5.17 6.34 12.81
C PHE A 81 -5.44 6.78 14.25
N ALA A 82 -6.47 7.60 14.50
CA ALA A 82 -6.70 8.18 15.82
C ALA A 82 -7.41 7.18 16.74
N ARG A 83 -6.79 6.02 16.89
CA ARG A 83 -7.32 4.94 17.73
C ARG A 83 -6.16 4.22 18.39
N GLY A 84 -6.32 3.91 19.67
CA GLY A 84 -5.36 3.06 20.35
C GLY A 84 -5.55 1.62 19.91
N ALA A 85 -4.49 0.99 19.41
CA ALA A 85 -4.54 -0.40 18.97
C ALA A 85 -3.60 -1.23 19.83
N CYS A 86 -4.04 -2.41 20.21
CA CYS A 86 -3.20 -3.29 21.02
C CYS A 86 -2.09 -3.88 20.18
N VAL A 87 -0.85 -3.67 20.60
CA VAL A 87 0.30 -4.17 19.85
C VAL A 87 1.10 -5.21 20.61
N ALA A 88 0.78 -5.47 21.88
CA ALA A 88 1.54 -6.45 22.63
C ALA A 88 0.80 -6.80 23.92
N ILE A 89 1.03 -8.02 24.38
CA ILE A 89 0.52 -8.53 25.64
C ILE A 89 1.72 -9.10 26.38
N ILE A 90 2.23 -8.36 27.35
CA ILE A 90 3.45 -8.72 28.07
C ILE A 90 3.06 -9.36 29.39
N GLU A 91 3.41 -10.62 29.58
CA GLU A 91 3.02 -11.38 30.75
C GLU A 91 4.17 -11.41 31.75
N VAL A 92 3.88 -11.06 33.00
CA VAL A 92 4.85 -11.11 34.07
C VAL A 92 4.21 -11.78 35.28
N ASP A 93 5.06 -12.21 36.21
CA ASP A 93 4.62 -12.91 37.40
C ASP A 93 5.17 -12.21 38.64
N ASN A 94 4.46 -12.42 39.74
CA ASN A 94 4.90 -12.03 41.08
C ASN A 94 4.88 -13.33 41.88
N ASP A 95 6.07 -13.89 42.10
CA ASP A 95 6.20 -15.22 42.69
C ASP A 95 7.59 -15.35 43.30
N ALA A 96 7.77 -16.39 44.09
CA ALA A 96 9.05 -16.63 44.72
C ALA A 96 10.12 -16.84 43.64
N PRO A 97 11.29 -16.20 43.75
CA PRO A 97 12.31 -16.38 42.71
C PRO A 97 12.81 -17.82 42.61
N THR A 98 12.63 -18.63 43.65
CA THR A 98 13.01 -20.03 43.57
C THR A 98 12.14 -20.82 42.60
N LYS A 99 10.93 -20.36 42.33
CA LYS A 99 10.04 -21.01 41.37
C LYS A 99 10.55 -20.70 39.97
N ARG A 100 11.31 -21.64 39.40
CA ARG A 100 11.95 -21.39 38.11
C ARG A 100 10.93 -21.32 36.97
N ALA A 101 9.70 -21.79 37.19
CA ALA A 101 8.68 -21.70 36.15
C ALA A 101 8.16 -20.28 36.00
N SER A 102 8.11 -19.52 37.09
CA SER A 102 7.59 -18.17 37.03
C SER A 102 8.56 -17.24 36.31
N LYS A 103 8.00 -16.20 35.68
CA LYS A 103 8.76 -15.21 34.93
C LYS A 103 8.57 -13.87 35.62
N LEU A 104 9.57 -13.43 36.37
CA LEU A 104 9.45 -12.25 37.21
C LEU A 104 9.68 -10.95 36.45
N PHE A 105 10.17 -11.01 35.21
CA PHE A 105 10.25 -9.83 34.37
C PHE A 105 10.19 -10.26 32.92
N SER A 106 9.77 -9.34 32.07
CA SER A 106 9.61 -9.64 30.65
C SER A 106 10.12 -8.48 29.82
N VAL A 107 10.80 -8.78 28.72
CA VAL A 107 11.31 -7.78 27.80
C VAL A 107 10.60 -7.96 26.46
N TRP A 108 9.94 -6.91 26.01
CA TRP A 108 9.22 -6.91 24.74
C TRP A 108 9.89 -5.90 23.82
N LYS A 109 10.39 -6.37 22.68
CA LYS A 109 10.96 -5.47 21.69
C LYS A 109 9.85 -4.66 21.04
N ILE A 110 10.03 -3.35 20.96
CA ILE A 110 8.96 -2.46 20.53
C ILE A 110 8.73 -2.63 19.03
N THR A 111 7.47 -2.85 18.66
CA THR A 111 7.10 -3.02 17.26
C THR A 111 5.59 -3.05 17.18
N TYR A 112 5.06 -2.72 16.00
CA TYR A 112 3.65 -2.84 15.71
C TYR A 112 3.33 -4.11 14.93
N LYS A 113 4.30 -5.01 14.77
CA LYS A 113 4.15 -6.17 13.91
C LYS A 113 3.83 -7.44 14.68
N ASP A 114 3.57 -7.36 15.99
CA ASP A 114 3.16 -8.54 16.72
C ASP A 114 1.67 -8.80 16.58
N THR A 115 0.88 -7.77 16.33
CA THR A 115 -0.51 -7.90 15.93
C THR A 115 -0.65 -7.49 14.46
N VAL A 116 -1.87 -7.55 13.94
CA VAL A 116 -2.12 -7.40 12.51
C VAL A 116 -2.87 -6.12 12.18
N GLN A 117 -3.85 -5.73 13.00
CA GLN A 117 -4.79 -4.68 12.57
C GLN A 117 -4.07 -3.35 12.35
N LEU A 118 -3.39 -2.86 13.38
CA LEU A 118 -2.64 -1.62 13.22
C LEU A 118 -1.58 -1.75 12.15
N ARG A 119 -0.95 -2.92 12.08
CA ARG A 119 0.06 -3.15 11.06
C ARG A 119 -0.52 -2.93 9.66
N ARG A 120 -1.67 -3.55 9.39
CA ARG A 120 -2.28 -3.41 8.07
C ARG A 120 -2.64 -1.95 7.78
N LYS A 121 -3.23 -1.27 8.77
CA LYS A 121 -3.58 0.13 8.58
C LYS A 121 -2.34 0.96 8.24
N LEU A 122 -1.26 0.75 8.99
CA LEU A 122 -0.02 1.49 8.74
C LEU A 122 0.53 1.16 7.36
N GLU A 123 0.44 -0.10 6.95
CA GLU A 123 1.06 -0.55 5.72
C GLU A 123 0.22 -0.23 4.50
N PHE A 124 -0.95 0.37 4.66
CA PHE A 124 -1.52 1.11 3.54
C PHE A 124 -0.53 2.11 2.94
N PHE A 125 0.51 2.51 3.68
CA PHE A 125 1.45 3.53 3.22
C PHE A 125 2.88 3.03 3.35
N THR A 126 3.76 3.64 2.55
CA THR A 126 5.17 3.26 2.55
C THR A 126 5.96 4.00 3.62
N TYR A 127 5.73 5.29 3.82
CA TYR A 127 6.45 6.04 4.84
C TYR A 127 5.48 6.77 5.76
N SER A 128 5.93 7.04 6.98
CA SER A 128 5.09 7.76 7.93
C SER A 128 5.95 8.48 8.95
N ARG A 129 5.48 9.64 9.37
CA ARG A 129 5.94 10.33 10.56
C ARG A 129 4.78 10.47 11.53
N PHE A 130 5.02 10.18 12.80
CA PHE A 130 3.99 10.44 13.80
C PHE A 130 4.63 10.44 15.19
N ASP A 131 4.05 11.24 16.07
CA ASP A 131 4.22 11.01 17.49
C ASP A 131 3.45 9.76 17.88
N MET A 132 3.78 9.20 19.02
CA MET A 132 3.16 7.95 19.45
C MET A 132 2.72 8.06 20.90
N GLU A 133 1.48 7.67 21.16
CA GLU A 133 0.95 7.60 22.52
C GLU A 133 0.85 6.13 22.92
N PHE A 134 1.54 5.77 23.99
CA PHE A 134 1.47 4.43 24.55
C PHE A 134 0.56 4.46 25.77
N THR A 135 -0.39 3.53 25.81
CA THR A 135 -1.28 3.35 26.94
C THR A 135 -1.17 1.91 27.41
N PHE A 136 -0.93 1.71 28.69
CA PHE A 136 -0.68 0.39 29.26
C PHE A 136 -1.87 0.02 30.14
N VAL A 137 -2.54 -1.08 29.78
CA VAL A 137 -3.67 -1.61 30.52
C VAL A 137 -3.18 -2.86 31.24
N VAL A 138 -3.18 -2.82 32.57
CA VAL A 138 -2.59 -3.86 33.38
C VAL A 138 -3.70 -4.63 34.08
N THR A 139 -3.69 -5.95 33.92
CA THR A 139 -4.62 -6.82 34.62
C THR A 139 -3.82 -7.87 35.37
N SER A 140 -4.38 -8.35 36.48
CA SER A 140 -3.71 -9.35 37.29
C SER A 140 -4.72 -10.31 37.86
N ASN A 141 -4.23 -11.45 38.32
CA ASN A 141 -5.09 -12.46 38.91
C ASN A 141 -4.27 -13.42 39.77
N TYR A 142 -4.95 -14.04 40.73
CA TYR A 142 -4.38 -15.16 41.47
C TYR A 142 -4.27 -16.38 40.56
N THR A 143 -3.28 -17.23 40.84
CA THR A 143 -3.12 -18.48 40.14
C THR A 143 -3.58 -19.69 40.94
N ASP A 144 -3.58 -19.60 42.28
CA ASP A 144 -4.11 -20.64 43.14
C ASP A 144 -4.78 -19.97 44.33
N ALA A 145 -5.42 -20.79 45.17
CA ALA A 145 -6.27 -20.27 46.24
C ALA A 145 -5.89 -20.77 47.62
N ASN A 146 -4.77 -21.47 47.75
CA ASN A 146 -4.40 -22.10 49.02
C ASN A 146 -3.07 -21.56 49.56
N ASN A 147 -2.74 -20.31 49.24
CA ASN A 147 -1.48 -19.73 49.68
C ASN A 147 -1.65 -18.27 50.10
N GLY A 148 -2.82 -17.92 50.62
CA GLY A 148 -3.03 -16.57 51.10
C GLY A 148 -3.35 -15.59 49.99
N HIS A 149 -3.17 -14.31 50.31
CA HIS A 149 -3.59 -13.22 49.45
C HIS A 149 -2.42 -12.29 49.18
N ALA A 150 -2.71 -11.17 48.52
CA ALA A 150 -1.68 -10.27 48.04
C ALA A 150 -2.10 -8.82 48.28
N LEU A 151 -1.10 -7.99 48.53
CA LEU A 151 -1.30 -6.55 48.57
C LEU A 151 -1.15 -5.96 47.18
N ASN A 152 -1.68 -4.76 47.00
CA ASN A 152 -1.72 -4.15 45.69
C ASN A 152 -0.32 -4.07 45.09
N GLN A 153 -0.18 -4.49 43.85
CA GLN A 153 1.11 -4.53 43.18
C GLN A 153 1.41 -3.22 42.47
N VAL A 154 2.71 -2.91 42.38
CA VAL A 154 3.22 -1.82 41.56
C VAL A 154 4.09 -2.43 40.47
N TYR A 155 3.89 -1.97 39.25
CA TYR A 155 4.60 -2.47 38.08
C TYR A 155 5.57 -1.40 37.60
N GLN A 156 6.77 -1.82 37.24
CA GLN A 156 7.74 -0.94 36.60
C GLN A 156 7.81 -1.29 35.12
N ILE A 157 7.65 -0.29 34.26
CA ILE A 157 7.79 -0.41 32.82
C ILE A 157 8.93 0.51 32.43
N MET A 158 10.09 -0.06 32.12
CA MET A 158 11.28 0.70 31.79
C MET A 158 11.53 0.62 30.29
N TYR A 159 11.67 1.78 29.66
CA TYR A 159 12.10 1.80 28.26
C TYR A 159 13.60 1.63 28.20
N ILE A 160 14.04 0.62 27.46
CA ILE A 160 15.46 0.35 27.25
C ILE A 160 15.80 0.73 25.82
N PRO A 161 16.31 1.94 25.58
CA PRO A 161 16.70 2.31 24.23
C PRO A 161 17.83 1.42 23.76
N PRO A 162 17.98 1.23 22.45
CA PRO A 162 19.04 0.36 21.95
C PRO A 162 20.40 0.75 22.51
N GLY A 163 21.11 -0.24 23.03
CA GLY A 163 22.42 -0.04 23.62
C GLY A 163 22.42 0.04 25.12
N ALA A 164 21.30 0.42 25.73
CA ALA A 164 21.21 0.40 27.18
C ALA A 164 21.19 -1.05 27.67
N PRO A 165 21.71 -1.29 28.88
CA PRO A 165 21.77 -2.68 29.37
C PRO A 165 20.37 -3.24 29.60
N ILE A 166 20.14 -4.45 29.11
CA ILE A 166 18.88 -5.16 29.29
C ILE A 166 18.89 -5.83 30.67
N PRO A 167 17.81 -5.74 31.45
CA PRO A 167 17.80 -6.45 32.73
C PRO A 167 18.05 -7.93 32.55
N GLY A 168 18.87 -8.48 33.43
CA GLY A 168 19.13 -9.91 33.43
C GLY A 168 18.33 -10.62 34.51
N LYS A 169 17.93 -9.87 35.54
CA LYS A 169 17.11 -10.39 36.61
C LYS A 169 16.09 -9.32 37.00
N TRP A 170 15.02 -9.76 37.66
CA TRP A 170 13.96 -8.85 38.00
C TRP A 170 14.39 -7.78 38.99
N ASN A 171 15.56 -7.93 39.63
CA ASN A 171 15.99 -6.99 40.65
C ASN A 171 17.46 -6.64 40.52
N ASP A 172 17.99 -6.60 39.29
CA ASP A 172 19.38 -6.23 39.10
C ASP A 172 19.50 -4.71 39.03
N TYR A 173 20.74 -4.23 38.84
CA TYR A 173 21.01 -2.80 38.95
C TYR A 173 20.26 -1.99 37.89
N THR A 174 19.99 -2.58 36.72
CA THR A 174 19.44 -1.81 35.62
C THR A 174 18.13 -1.13 36.01
N TRP A 175 17.39 -1.70 36.96
CA TRP A 175 16.09 -1.14 37.31
C TRP A 175 16.21 0.19 38.04
N GLN A 176 17.42 0.61 38.42
CA GLN A 176 17.60 1.95 38.97
C GLN A 176 17.12 3.02 38.00
N THR A 177 17.17 2.72 36.69
CA THR A 177 16.59 3.57 35.66
C THR A 177 17.00 5.03 35.82
N SER A 178 18.29 5.26 36.11
CA SER A 178 18.75 6.63 36.32
C SER A 178 18.59 7.47 35.06
N SER A 179 18.73 6.87 33.89
CA SER A 179 18.63 7.58 32.63
C SER A 179 17.53 7.07 31.73
N ASN A 180 17.21 5.78 31.79
CA ASN A 180 16.06 5.27 31.07
C ASN A 180 14.79 5.90 31.64
N PRO A 181 13.81 6.21 30.80
CA PRO A 181 12.50 6.57 31.35
C PRO A 181 11.80 5.32 31.84
N SER A 182 11.19 5.43 33.03
CA SER A 182 10.39 4.36 33.59
C SER A 182 9.05 4.92 34.03
N VAL A 183 8.03 4.09 33.92
CA VAL A 183 6.71 4.39 34.46
C VAL A 183 6.42 3.36 35.55
N PHE A 184 6.12 3.85 36.75
CA PHE A 184 5.64 3.01 37.84
C PHE A 184 4.13 3.13 37.86
N TYR A 185 3.45 2.01 37.66
CA TYR A 185 2.00 1.95 37.59
C TYR A 185 1.47 1.20 38.80
N THR A 186 0.55 1.80 39.52
CA THR A 186 -0.08 1.16 40.67
C THR A 186 -1.33 0.42 40.22
N TYR A 187 -1.43 -0.86 40.59
CA TYR A 187 -2.56 -1.65 40.16
C TYR A 187 -3.87 -1.03 40.62
N GLY A 188 -4.87 -1.02 39.74
CA GLY A 188 -6.13 -0.40 40.01
C GLY A 188 -6.24 1.04 39.55
N ALA A 189 -5.11 1.70 39.31
CA ALA A 189 -5.12 3.04 38.76
C ALA A 189 -5.49 2.98 37.28
N PRO A 190 -5.98 4.08 36.72
CA PRO A 190 -6.31 4.08 35.30
C PRO A 190 -5.09 3.73 34.48
N PRO A 191 -5.27 3.05 33.33
CA PRO A 191 -4.12 2.63 32.53
C PRO A 191 -3.05 3.70 32.43
N ALA A 192 -1.78 3.30 32.53
CA ALA A 192 -0.71 4.27 32.41
C ALA A 192 -0.66 4.80 30.99
N ARG A 193 -0.07 5.98 30.82
CA ARG A 193 0.00 6.58 29.50
C ARG A 193 1.19 7.52 29.42
N ILE A 194 1.93 7.41 28.31
CA ILE A 194 3.03 8.30 28.01
C ILE A 194 2.98 8.62 26.51
N SER A 195 3.72 9.65 26.12
CA SER A 195 3.84 10.04 24.73
C SER A 195 5.32 10.17 24.36
N VAL A 196 5.60 9.90 23.10
CA VAL A 196 6.93 10.10 22.54
C VAL A 196 6.78 10.88 21.23
N PRO A 197 7.78 11.69 20.86
CA PRO A 197 7.71 12.35 19.56
C PRO A 197 8.14 11.40 18.45
N TYR A 198 8.25 11.90 17.23
CA TYR A 198 8.85 11.10 16.17
C TYR A 198 10.32 10.89 16.47
N VAL A 199 10.73 9.64 16.67
CA VAL A 199 12.06 9.32 17.15
C VAL A 199 12.91 8.63 16.08
N GLY A 200 12.43 8.57 14.84
CA GLY A 200 13.19 7.91 13.80
C GLY A 200 14.51 8.62 13.55
N ILE A 201 15.53 7.83 13.18
CA ILE A 201 16.81 8.41 12.77
C ILE A 201 16.79 8.84 11.32
N ALA A 202 15.80 8.40 10.55
CA ALA A 202 15.57 8.90 9.21
C ALA A 202 14.51 10.01 9.28
N ASN A 203 14.23 10.62 8.13
CA ASN A 203 13.24 11.69 8.10
C ASN A 203 11.81 11.17 8.14
N ALA A 204 11.62 9.86 8.04
CA ALA A 204 10.32 9.25 8.23
C ALA A 204 10.53 7.79 8.61
N TYR A 205 9.53 7.22 9.27
CA TYR A 205 9.51 5.78 9.48
C TYR A 205 9.32 5.08 8.14
N SER A 206 10.06 3.99 7.94
CA SER A 206 9.93 3.17 6.74
C SER A 206 9.16 1.91 7.09
N HIS A 207 7.91 1.83 6.62
CA HIS A 207 7.13 0.61 6.78
C HIS A 207 7.65 -0.52 5.90
N PHE A 208 8.33 -0.18 4.81
CA PHE A 208 8.93 -1.16 3.92
C PHE A 208 10.34 -0.71 3.56
N TYR A 209 11.28 -1.64 3.61
CA TYR A 209 12.68 -1.36 3.30
C TYR A 209 13.15 -2.43 2.32
N ASP A 210 13.37 -2.03 1.06
CA ASP A 210 13.81 -2.95 0.03
C ASP A 210 15.33 -2.95 0.00
N GLY A 211 15.93 -3.61 0.98
CA GLY A 211 17.38 -3.60 1.07
C GLY A 211 17.87 -4.44 2.22
N PHE A 212 19.14 -4.22 2.56
CA PHE A 212 19.85 -5.00 3.57
C PHE A 212 20.61 -4.07 4.49
N ALA A 213 20.91 -4.57 5.68
CA ALA A 213 21.79 -3.82 6.59
C ALA A 213 23.25 -3.92 6.13
N LYS A 214 23.63 -5.05 5.53
CA LYS A 214 24.97 -5.27 5.04
C LYS A 214 24.94 -5.54 3.54
N VAL A 215 26.01 -5.14 2.86
CA VAL A 215 26.29 -5.58 1.49
C VAL A 215 27.41 -6.61 1.57
N PRO A 216 27.15 -7.88 1.26
CA PRO A 216 28.26 -8.86 1.27
C PRO A 216 29.28 -8.49 0.22
N LEU A 217 30.55 -8.71 0.54
CA LEU A 217 31.65 -8.33 -0.33
C LEU A 217 32.32 -9.58 -0.88
N ALA A 218 32.75 -9.49 -2.14
CA ALA A 218 33.38 -10.63 -2.78
C ALA A 218 34.60 -11.07 -1.98
N GLY A 219 34.74 -12.39 -1.82
CA GLY A 219 35.80 -12.96 -1.03
C GLY A 219 35.48 -13.19 0.43
N GLN A 220 34.44 -12.55 0.94
CA GLN A 220 34.03 -12.78 2.32
C GLN A 220 33.39 -14.16 2.45
N ALA A 221 33.71 -14.85 3.54
CA ALA A 221 33.15 -16.16 3.78
C ALA A 221 31.62 -16.11 3.79
N SER A 222 31.00 -17.25 3.55
CA SER A 222 29.55 -17.31 3.47
C SER A 222 28.88 -16.84 4.76
N THR A 223 29.59 -16.86 5.87
CA THR A 223 29.03 -16.45 7.16
C THR A 223 29.16 -14.96 7.42
N GLU A 224 29.73 -14.20 6.47
CA GLU A 224 29.95 -12.77 6.64
C GLU A 224 29.15 -11.99 5.61
N GLY A 225 28.73 -10.79 5.99
CA GLY A 225 27.99 -9.93 5.10
C GLY A 225 26.56 -10.35 4.86
N ASP A 226 26.07 -11.33 5.62
CA ASP A 226 24.71 -11.84 5.46
C ASP A 226 23.79 -11.16 6.47
N SER A 227 22.70 -10.59 5.98
CA SER A 227 21.73 -9.93 6.83
C SER A 227 20.33 -10.24 6.31
N LEU A 228 19.35 -10.12 7.19
CA LEU A 228 17.97 -10.41 6.81
C LEU A 228 17.47 -9.39 5.78
N TYR A 229 16.74 -9.90 4.80
CA TYR A 229 16.18 -9.03 3.77
C TYR A 229 15.08 -8.15 4.34
N GLY A 230 15.23 -6.83 4.17
CA GLY A 230 14.24 -5.89 4.61
C GLY A 230 14.41 -5.37 6.02
N ALA A 231 15.35 -5.91 6.79
CA ALA A 231 15.65 -5.41 8.12
C ALA A 231 16.70 -4.32 8.02
N ALA A 232 16.49 -3.21 8.73
CA ALA A 232 17.47 -2.13 8.76
C ALA A 232 18.40 -2.30 9.96
N SER A 233 17.86 -2.20 11.16
CA SER A 233 18.63 -2.32 12.39
C SER A 233 18.20 -3.58 13.13
N LEU A 234 19.17 -4.24 13.77
CA LEU A 234 18.84 -5.35 14.65
C LEU A 234 17.99 -4.91 15.82
N ASN A 235 18.12 -3.64 16.23
CA ASN A 235 17.35 -3.08 17.35
C ASN A 235 17.14 -1.60 17.05
N ASP A 236 16.01 -1.29 16.43
CA ASP A 236 15.76 0.07 15.96
C ASP A 236 15.13 0.96 17.02
N PHE A 237 14.22 0.44 17.83
CA PHE A 237 13.50 1.24 18.81
C PHE A 237 13.64 0.75 20.24
N GLY A 238 14.49 -0.24 20.49
CA GLY A 238 14.68 -0.69 21.85
C GLY A 238 13.54 -1.56 22.34
N SER A 239 13.45 -1.67 23.66
CA SER A 239 12.53 -2.62 24.28
C SER A 239 11.83 -1.96 25.46
N LEU A 240 10.81 -2.65 25.95
CA LEU A 240 10.18 -2.36 27.23
C LEU A 240 10.43 -3.53 28.17
N ALA A 241 10.97 -3.25 29.34
CA ALA A 241 11.17 -4.25 30.37
C ALA A 241 10.16 -4.02 31.49
N VAL A 242 9.40 -5.04 31.82
CA VAL A 242 8.27 -4.94 32.73
C VAL A 242 8.51 -5.89 33.88
N ARG A 243 8.32 -5.40 35.10
CA ARG A 243 8.41 -6.24 36.29
C ARG A 243 7.36 -5.81 37.31
N VAL A 244 7.13 -6.69 38.28
CA VAL A 244 6.38 -6.36 39.48
C VAL A 244 7.38 -5.95 40.55
N VAL A 245 7.30 -4.69 40.99
CA VAL A 245 8.27 -4.17 41.95
C VAL A 245 8.13 -4.88 43.29
N ASN A 246 6.91 -5.23 43.68
CA ASN A 246 6.68 -5.84 44.99
C ASN A 246 7.50 -7.11 45.15
N ASP A 247 7.97 -7.35 46.37
CA ASP A 247 8.46 -8.68 46.72
C ASP A 247 7.30 -9.66 46.72
N HIS A 248 7.61 -10.93 46.48
CA HIS A 248 6.57 -11.92 46.24
C HIS A 248 5.75 -12.19 47.48
N ASN A 249 4.45 -12.35 47.29
CA ASN A 249 3.55 -12.86 48.31
C ASN A 249 3.66 -14.37 48.38
N PRO A 250 3.12 -14.99 49.43
CA PRO A 250 3.17 -16.46 49.52
C PRO A 250 2.43 -17.17 48.40
N THR A 251 1.59 -16.46 47.64
CA THR A 251 0.86 -17.04 46.52
C THR A 251 1.29 -16.35 45.23
N LYS A 252 1.26 -17.11 44.14
CA LYS A 252 1.71 -16.60 42.84
C LYS A 252 0.65 -15.75 42.20
N LEU A 253 1.05 -14.59 41.66
CA LEU A 253 0.17 -13.70 40.93
C LEU A 253 0.66 -13.59 39.50
N THR A 254 -0.28 -13.60 38.55
CA THR A 254 0.07 -13.40 37.15
C THR A 254 -0.55 -12.11 36.66
N SER A 255 0.19 -11.37 35.84
CA SER A 255 -0.26 -10.11 35.31
C SER A 255 0.04 -10.03 33.83
N LYS A 256 -0.81 -9.32 33.11
CA LYS A 256 -0.63 -9.01 31.71
C LYS A 256 -0.71 -7.51 31.52
N ILE A 257 0.28 -6.96 30.84
CA ILE A 257 0.33 -5.55 30.47
C ILE A 257 0.05 -5.50 28.98
N ARG A 258 -1.10 -4.97 28.61
CA ARG A 258 -1.46 -4.79 27.21
C ARG A 258 -1.04 -3.40 26.78
N VAL A 259 -0.28 -3.34 25.69
CA VAL A 259 0.26 -2.09 25.18
C VAL A 259 -0.59 -1.62 24.02
N TYR A 260 -1.07 -0.39 24.11
CA TYR A 260 -1.90 0.22 23.06
C TYR A 260 -1.14 1.40 22.47
N MET A 261 -0.91 1.33 21.17
CA MET A 261 -0.26 2.40 20.43
C MET A 261 -1.31 3.26 19.74
N LYS A 262 -1.09 4.56 19.76
CA LYS A 262 -1.90 5.46 18.95
C LYS A 262 -0.98 6.43 18.23
N PRO A 263 -0.87 6.36 16.91
CA PRO A 263 -0.16 7.42 16.18
C PRO A 263 -0.90 8.74 16.32
N LYS A 264 -0.13 9.82 16.40
CA LYS A 264 -0.67 11.16 16.50
C LYS A 264 0.12 12.07 15.58
N HIS A 265 -0.55 13.10 15.08
CA HIS A 265 0.07 14.06 14.15
C HIS A 265 0.68 13.31 12.97
N VAL A 266 -0.13 12.43 12.39
CA VAL A 266 0.35 11.48 11.40
C VAL A 266 0.52 12.18 10.05
N ARG A 267 1.62 11.87 9.39
CA ARG A 267 1.83 12.16 7.98
C ARG A 267 2.28 10.87 7.33
N VAL A 268 1.81 10.62 6.10
CA VAL A 268 2.11 9.36 5.41
C VAL A 268 2.37 9.64 3.95
N TRP A 269 3.20 8.79 3.35
CA TRP A 269 3.63 8.95 1.97
C TRP A 269 3.57 7.62 1.24
N CYS A 270 3.29 7.72 -0.08
CA CYS A 270 3.37 6.62 -1.03
C CYS A 270 2.41 5.49 -0.70
N PRO A 271 1.11 5.68 -0.94
CA PRO A 271 0.15 4.63 -0.60
C PRO A 271 0.45 3.33 -1.32
N ARG A 272 0.07 2.22 -0.68
CA ARG A 272 0.29 0.88 -1.19
C ARG A 272 -1.00 0.08 -1.11
N PRO A 273 -1.16 -0.94 -1.93
CA PRO A 273 -2.27 -1.87 -1.76
C PRO A 273 -2.19 -2.55 -0.40
N PRO A 274 -3.31 -2.70 0.29
CA PRO A 274 -3.26 -3.29 1.63
C PRO A 274 -2.99 -4.78 1.58
N ARG A 275 -2.47 -5.29 2.70
CA ARG A 275 -2.24 -6.72 2.82
C ARG A 275 -3.50 -7.49 2.51
N ALA A 276 -3.38 -8.48 1.62
CA ALA A 276 -4.52 -9.27 1.18
C ALA A 276 -4.53 -10.68 1.74
N VAL A 277 -3.37 -11.22 2.09
CA VAL A 277 -3.26 -12.57 2.63
C VAL A 277 -2.64 -12.47 4.01
N PRO A 278 -2.81 -13.48 4.86
CA PRO A 278 -2.38 -13.36 6.25
C PRO A 278 -0.89 -13.04 6.34
N TYR A 279 -0.54 -12.18 7.29
CA TYR A 279 0.86 -11.87 7.54
C TYR A 279 1.60 -13.14 7.96
N TYR A 280 2.86 -13.21 7.57
CA TYR A 280 3.74 -14.34 7.93
C TYR A 280 5.10 -13.75 8.27
N GLY A 281 5.29 -13.42 9.54
CA GLY A 281 6.52 -12.82 10.00
C GLY A 281 6.51 -11.30 9.82
N PRO A 282 7.64 -10.66 10.16
CA PRO A 282 7.71 -9.20 10.05
C PRO A 282 7.98 -8.68 8.65
N GLY A 283 8.28 -9.55 7.69
CA GLY A 283 8.48 -9.15 6.31
C GLY A 283 7.19 -9.18 5.53
N VAL A 284 7.34 -9.21 4.20
CA VAL A 284 6.20 -9.31 3.30
C VAL A 284 5.92 -10.74 2.89
N ASP A 285 6.57 -11.71 3.53
CA ASP A 285 6.45 -13.10 3.14
C ASP A 285 5.03 -13.61 3.37
N TYR A 286 4.65 -14.63 2.59
CA TYR A 286 3.35 -15.26 2.74
C TYR A 286 3.52 -16.77 2.61
N LYS A 287 2.74 -17.51 3.36
CA LYS A 287 2.77 -18.97 3.28
C LYS A 287 1.38 -19.60 3.15
N ASP A 288 0.38 -19.07 3.83
CA ASP A 288 -0.94 -19.69 3.91
C ASP A 288 -2.01 -18.66 3.55
N GLY A 289 -3.21 -19.17 3.30
CA GLY A 289 -4.32 -18.29 2.97
C GLY A 289 -4.13 -17.50 1.70
N LEU A 290 -3.57 -18.14 0.66
CA LEU A 290 -3.29 -17.47 -0.60
C LEU A 290 -4.47 -17.47 -1.55
N ALA A 291 -5.67 -17.77 -1.06
CA ALA A 291 -6.89 -17.79 -1.87
C ALA A 291 -7.94 -16.93 -1.19
N PRO A 292 -7.71 -15.62 -1.11
CA PRO A 292 -8.67 -14.76 -0.41
C PRO A 292 -10.00 -14.63 -1.13
N LEU A 293 -10.00 -14.48 -2.45
CA LEU A 293 -11.23 -14.21 -3.17
C LEU A 293 -12.15 -15.43 -3.12
N PRO A 294 -13.46 -15.22 -2.90
CA PRO A 294 -14.41 -16.34 -2.99
C PRO A 294 -14.90 -16.56 -4.41
N GLU A 295 -15.76 -17.56 -4.61
CA GLU A 295 -16.29 -17.86 -5.92
C GLU A 295 -17.58 -17.07 -6.17
N LYS A 296 -17.71 -16.52 -7.37
CA LYS A 296 -18.88 -15.73 -7.73
C LYS A 296 -19.03 -15.77 -9.25
N GLY A 297 -20.23 -16.09 -9.72
CA GLY A 297 -20.46 -16.16 -11.15
C GLY A 297 -20.22 -14.83 -11.83
N LEU A 298 -19.75 -14.91 -13.07
CA LEU A 298 -19.49 -13.70 -13.84
C LEU A 298 -20.78 -12.93 -14.08
N THR A 299 -21.88 -13.63 -14.34
CA THR A 299 -23.17 -13.02 -14.62
C THR A 299 -24.16 -13.21 -13.47
N THR A 300 -23.64 -13.27 -12.24
CA THR A 300 -24.47 -13.39 -11.04
C THR A 300 -24.37 -12.11 -10.25
N TYR A 301 -25.50 -11.47 -9.99
CA TYR A 301 -25.51 -10.23 -9.23
C TYR A 301 -25.17 -10.51 -7.76
N GLY B 2 -1.62 30.92 24.63
CA GLY B 2 -2.22 30.37 25.83
C GLY B 2 -3.37 29.42 25.53
N ALA B 3 -4.59 29.88 25.80
CA ALA B 3 -5.78 29.07 25.58
C ALA B 3 -6.27 29.23 24.15
N GLN B 4 -6.47 28.12 23.46
CA GLN B 4 -6.95 28.12 22.08
C GLN B 4 -8.44 27.84 22.09
N VAL B 5 -9.22 28.74 21.51
CA VAL B 5 -10.66 28.58 21.36
C VAL B 5 -10.94 28.24 19.91
N SER B 6 -11.55 27.09 19.67
CA SER B 6 -11.77 26.59 18.32
C SER B 6 -13.22 26.17 18.14
N SER B 7 -13.73 26.39 16.93
CA SER B 7 -15.10 26.00 16.62
C SER B 7 -15.24 24.48 16.63
N GLN B 8 -16.44 24.03 16.99
CA GLN B 8 -16.74 22.60 16.98
C GLN B 8 -17.31 22.17 15.64
N ILE B 25 -20.55 27.41 21.19
CA ILE B 25 -20.34 26.36 20.22
C ILE B 25 -18.85 26.11 19.98
N ASN B 26 -18.01 26.71 20.84
CA ASN B 26 -16.58 26.56 20.75
C ASN B 26 -16.10 25.53 21.77
N TYR B 27 -14.80 25.26 21.75
CA TYR B 27 -14.15 24.44 22.77
C TYR B 27 -12.76 24.98 23.02
N THR B 28 -12.27 24.77 24.24
CA THR B 28 -11.02 25.34 24.73
C THR B 28 -9.98 24.24 24.86
N THR B 29 -8.80 24.49 24.29
CA THR B 29 -7.68 23.57 24.34
C THR B 29 -6.47 24.30 24.92
N ILE B 30 -5.82 23.67 25.90
CA ILE B 30 -4.61 24.21 26.53
C ILE B 30 -3.58 23.10 26.60
N ASN B 31 -2.37 23.39 26.16
CA ASN B 31 -1.27 22.43 26.22
C ASN B 31 -0.55 22.59 27.54
N TYR B 32 -0.52 21.53 28.35
CA TYR B 32 0.05 21.56 29.68
C TYR B 32 1.50 21.08 29.72
N TYR B 33 2.07 20.67 28.59
CA TYR B 33 3.37 20.02 28.57
C TYR B 33 4.32 20.73 27.63
N ARG B 34 5.61 20.68 28.00
CA ARG B 34 6.65 21.31 27.18
C ARG B 34 6.74 20.67 25.80
N ASP B 35 6.70 19.35 25.73
CA ASP B 35 6.95 18.64 24.48
C ASP B 35 5.69 18.55 23.63
N SER B 36 5.84 18.80 22.34
CA SER B 36 4.69 18.77 21.44
C SER B 36 4.08 17.37 21.34
N ALA B 37 4.90 16.33 21.47
CA ALA B 37 4.38 14.97 21.42
C ALA B 37 3.34 14.75 22.51
N SER B 38 3.44 15.47 23.62
CA SER B 38 2.44 15.38 24.68
C SER B 38 1.10 15.98 24.26
N ASN B 39 1.08 16.81 23.22
CA ASN B 39 -0.15 17.47 22.82
C ASN B 39 -1.18 16.47 22.33
N ALA B 40 -2.44 16.78 22.58
CA ALA B 40 -3.54 16.00 22.04
C ALA B 40 -3.62 16.20 20.52
N ALA B 41 -4.25 15.23 19.85
CA ALA B 41 -4.33 15.25 18.40
C ALA B 41 -5.25 16.38 17.94
N SER B 42 -4.73 17.27 17.11
CA SER B 42 -5.51 18.38 16.57
C SER B 42 -6.13 17.93 15.25
N LYS B 43 -7.46 17.85 15.21
CA LYS B 43 -8.17 17.43 14.02
C LYS B 43 -8.48 18.64 13.14
N GLN B 44 -7.41 19.22 12.60
CA GLN B 44 -7.52 20.38 11.73
C GLN B 44 -6.20 20.69 11.05
N SER B 79 0.73 15.68 -30.58
CA SER B 79 -0.11 14.72 -29.87
C SER B 79 0.67 14.02 -28.76
N ASP B 80 -0.07 13.44 -27.82
CA ASP B 80 0.56 12.68 -26.74
C ASP B 80 1.20 11.38 -27.21
N ARG B 81 0.95 10.97 -28.46
CA ARG B 81 1.50 9.71 -28.96
C ARG B 81 2.95 9.83 -29.41
N VAL B 82 3.41 11.03 -29.77
CA VAL B 82 4.73 11.24 -30.35
C VAL B 82 5.59 11.97 -29.33
N MET B 83 6.74 11.38 -29.01
CA MET B 83 7.63 11.94 -27.99
C MET B 83 9.08 11.70 -28.37
N GLN B 84 9.93 12.64 -27.97
CA GLN B 84 11.38 12.47 -28.04
C GLN B 84 11.99 12.87 -26.69
N LEU B 85 12.81 11.99 -26.14
CA LEU B 85 13.48 12.19 -24.86
C LEU B 85 14.98 12.21 -25.12
N THR B 86 15.67 13.19 -24.56
CA THR B 86 17.12 13.31 -24.73
C THR B 86 17.77 13.44 -23.37
N LEU B 87 18.73 12.56 -23.08
CA LEU B 87 19.52 12.62 -21.86
C LEU B 87 20.96 12.28 -22.20
N GLY B 88 21.88 13.17 -21.86
CA GLY B 88 23.27 12.94 -22.20
C GLY B 88 23.41 12.79 -23.69
N ASN B 89 24.05 11.70 -24.12
CA ASN B 89 24.24 11.40 -25.53
C ASN B 89 23.21 10.42 -26.06
N SER B 90 22.11 10.21 -25.35
CA SER B 90 21.12 9.21 -25.72
C SER B 90 19.78 9.89 -26.02
N THR B 91 19.08 9.36 -27.03
CA THR B 91 17.79 9.88 -27.45
C THR B 91 16.83 8.72 -27.70
N ILE B 92 15.58 8.91 -27.30
CA ILE B 92 14.50 7.96 -27.53
C ILE B 92 13.41 8.66 -28.32
N THR B 93 12.97 8.06 -29.41
CA THR B 93 11.81 8.49 -30.14
C THR B 93 10.70 7.46 -30.00
N THR B 94 9.46 7.94 -29.99
CA THR B 94 8.31 7.05 -30.00
C THR B 94 7.16 7.73 -30.74
N GLN B 95 6.47 6.96 -31.57
CA GLN B 95 5.31 7.45 -32.30
C GLN B 95 3.99 6.93 -31.76
N GLU B 96 4.01 6.00 -30.80
CA GLU B 96 2.80 5.40 -30.26
C GLU B 96 2.87 5.37 -28.74
N ALA B 97 3.21 6.50 -28.14
CA ALA B 97 3.22 6.62 -26.70
C ALA B 97 1.80 6.85 -26.18
N ALA B 98 1.66 6.81 -24.87
CA ALA B 98 0.42 7.13 -24.16
C ALA B 98 0.69 8.20 -23.13
N ASN B 99 1.38 9.25 -23.57
CA ASN B 99 1.87 10.29 -22.66
C ASN B 99 2.85 9.66 -21.69
N SER B 100 3.43 10.46 -20.80
CA SER B 100 4.36 9.97 -19.80
C SER B 100 3.81 10.24 -18.42
N VAL B 101 4.15 9.36 -17.47
CA VAL B 101 3.70 9.46 -16.09
C VAL B 101 4.88 9.92 -15.25
N VAL B 102 4.73 11.08 -14.62
CA VAL B 102 5.69 11.55 -13.63
C VAL B 102 5.19 11.05 -12.28
N ALA B 103 5.92 10.11 -11.68
CA ALA B 103 5.45 9.47 -10.45
C ALA B 103 5.18 10.51 -9.39
N TYR B 104 3.97 10.45 -8.81
CA TYR B 104 3.55 11.38 -7.75
C TYR B 104 3.69 12.83 -8.19
N GLY B 105 3.69 13.09 -9.50
CA GLY B 105 3.81 14.44 -10.00
C GLY B 105 5.06 15.16 -9.57
N ARG B 106 6.13 14.44 -9.23
CA ARG B 106 7.36 15.03 -8.73
C ARG B 106 8.50 14.69 -9.68
N TRP B 107 9.06 15.71 -10.33
CA TRP B 107 10.21 15.51 -11.19
C TRP B 107 11.45 15.26 -10.33
N PRO B 108 12.39 14.45 -10.82
CA PRO B 108 13.64 14.25 -10.07
C PRO B 108 14.39 15.56 -9.88
N GLU B 109 15.04 15.68 -8.74
CA GLU B 109 15.75 16.90 -8.39
C GLU B 109 16.96 16.55 -7.55
N TYR B 110 17.94 17.46 -7.53
CA TYR B 110 19.10 17.31 -6.68
C TYR B 110 18.73 17.67 -5.23
N ILE B 111 19.60 17.25 -4.31
CA ILE B 111 19.36 17.50 -2.89
C ILE B 111 19.49 18.99 -2.62
N LYS B 112 18.46 19.58 -2.02
CA LYS B 112 18.52 20.97 -1.60
C LYS B 112 19.41 21.10 -0.38
N ASP B 113 20.04 22.28 -0.24
CA ASP B 113 20.88 22.53 0.92
C ASP B 113 20.09 22.37 2.22
N SER B 114 18.80 22.69 2.20
CA SER B 114 17.97 22.56 3.38
C SER B 114 17.73 21.11 3.78
N GLU B 115 18.07 20.14 2.92
CA GLU B 115 17.86 18.73 3.23
C GLU B 115 19.12 17.89 3.08
N ALA B 116 20.29 18.50 3.00
CA ALA B 116 21.53 17.76 2.76
C ALA B 116 22.06 17.17 4.06
N ASN B 117 22.10 15.85 4.14
CA ASN B 117 22.62 15.20 5.34
C ASN B 117 24.15 15.11 5.35
N PRO B 118 24.79 14.47 4.36
CA PRO B 118 26.25 14.39 4.38
C PRO B 118 26.89 15.72 4.01
N VAL B 119 28.07 15.97 4.57
CA VAL B 119 28.69 17.29 4.43
C VAL B 119 29.78 17.34 3.36
N ASP B 120 30.30 16.20 2.92
CA ASP B 120 31.33 16.21 1.88
C ASP B 120 30.73 16.66 0.56
N GLN B 121 31.54 17.32 -0.24
CA GLN B 121 31.10 17.80 -1.54
C GLN B 121 30.66 16.61 -2.39
N PRO B 122 29.42 16.58 -2.88
CA PRO B 122 28.96 15.45 -3.67
C PRO B 122 29.52 15.47 -5.09
N THR B 123 29.47 14.30 -5.71
CA THR B 123 29.80 14.15 -7.12
C THR B 123 28.51 14.11 -7.92
N GLU B 124 28.49 14.85 -9.04
CA GLU B 124 27.34 14.90 -9.93
C GLU B 124 27.84 14.66 -11.35
N PRO B 125 28.00 13.40 -11.74
CA PRO B 125 28.59 13.11 -13.06
C PRO B 125 27.78 13.66 -14.22
N ASP B 126 26.49 13.90 -14.04
CA ASP B 126 25.65 14.53 -15.07
C ASP B 126 25.64 13.59 -16.27
N VAL B 127 26.01 14.05 -17.47
CA VAL B 127 25.79 13.29 -18.69
C VAL B 127 26.53 11.97 -18.68
N ALA B 128 27.64 11.86 -17.95
CA ALA B 128 28.38 10.61 -17.93
C ALA B 128 27.56 9.47 -17.33
N ALA B 129 26.60 9.81 -16.47
CA ALA B 129 25.76 8.81 -15.82
C ALA B 129 24.27 9.01 -16.09
N CYS B 130 23.81 10.25 -16.23
CA CYS B 130 22.39 10.54 -16.47
C CYS B 130 22.11 10.37 -17.95
N ARG B 131 22.01 9.12 -18.36
CA ARG B 131 21.81 8.77 -19.76
C ARG B 131 21.04 7.46 -19.83
N PHE B 132 20.45 7.20 -20.99
CA PHE B 132 19.63 6.00 -21.17
C PHE B 132 20.53 4.79 -21.38
N TYR B 133 20.40 3.79 -20.51
CA TYR B 133 21.02 2.49 -20.68
C TYR B 133 19.92 1.48 -21.01
N THR B 134 20.17 0.63 -22.00
CA THR B 134 19.19 -0.35 -22.44
C THR B 134 19.52 -1.70 -21.82
N LEU B 135 18.58 -2.23 -21.05
CA LEU B 135 18.72 -3.52 -20.39
C LEU B 135 18.53 -4.66 -21.40
N ASP B 136 18.92 -5.85 -20.98
CA ASP B 136 18.67 -7.04 -21.80
C ASP B 136 17.19 -7.18 -22.08
N THR B 137 16.86 -7.50 -23.32
CA THR B 137 15.48 -7.65 -23.75
C THR B 137 14.90 -8.97 -23.24
N VAL B 138 13.64 -8.94 -22.81
CA VAL B 138 12.95 -10.13 -22.36
C VAL B 138 11.87 -10.48 -23.38
N THR B 139 11.38 -11.71 -23.31
CA THR B 139 10.43 -12.23 -24.27
C THR B 139 9.07 -12.41 -23.63
N TRP B 140 8.09 -11.65 -24.11
CA TRP B 140 6.70 -11.81 -23.71
C TRP B 140 6.08 -12.93 -24.53
N ARG B 141 5.64 -13.97 -23.86
CA ARG B 141 4.94 -15.11 -24.46
C ARG B 141 3.55 -15.21 -23.86
N LYS B 142 2.76 -16.15 -24.38
CA LYS B 142 1.43 -16.38 -23.84
C LYS B 142 1.51 -16.78 -22.37
N GLU B 143 2.51 -17.57 -22.01
CA GLU B 143 2.63 -18.11 -20.66
C GLU B 143 3.35 -17.19 -19.68
N SER B 144 3.91 -16.08 -20.14
CA SER B 144 4.66 -15.20 -19.25
C SER B 144 3.78 -14.68 -18.13
N ARG B 145 4.30 -14.72 -16.91
CA ARG B 145 3.59 -14.23 -15.74
C ARG B 145 4.01 -12.83 -15.33
N GLY B 146 5.13 -12.32 -15.84
CA GLY B 146 5.59 -11.00 -15.51
C GLY B 146 7.06 -10.98 -15.14
N TRP B 147 7.58 -9.76 -15.06
CA TRP B 147 9.00 -9.52 -14.82
C TRP B 147 9.13 -8.43 -13.78
N TRP B 148 10.25 -8.43 -13.07
CA TRP B 148 10.55 -7.37 -12.11
C TRP B 148 12.03 -7.04 -12.14
N TRP B 149 12.32 -5.77 -11.86
CA TRP B 149 13.67 -5.27 -11.68
C TRP B 149 13.69 -4.36 -10.47
N LYS B 150 14.89 -4.13 -9.93
CA LYS B 150 15.07 -3.17 -8.86
C LYS B 150 16.03 -2.08 -9.33
N LEU B 151 15.77 -0.86 -8.85
CA LEU B 151 16.61 0.29 -9.11
C LEU B 151 17.10 0.85 -7.79
N PRO B 152 18.41 1.17 -7.65
CA PRO B 152 19.37 1.22 -8.76
C PRO B 152 19.99 -0.12 -9.17
N ASP B 153 19.58 -1.22 -8.55
CA ASP B 153 20.24 -2.51 -8.78
C ASP B 153 20.38 -2.83 -10.25
N ALA B 154 19.30 -2.66 -11.02
CA ALA B 154 19.32 -3.07 -12.42
C ALA B 154 20.42 -2.36 -13.21
N LEU B 155 20.82 -1.16 -12.78
CA LEU B 155 21.80 -0.36 -13.51
C LEU B 155 23.20 -0.46 -12.93
N LYS B 156 23.45 -1.40 -12.02
CA LYS B 156 24.72 -1.40 -11.30
C LYS B 156 25.92 -1.66 -12.20
N ASP B 157 25.72 -2.30 -13.35
CA ASP B 157 26.81 -2.58 -14.28
C ASP B 157 26.77 -1.66 -15.50
N MET B 158 26.08 -0.53 -15.40
CA MET B 158 25.85 0.35 -16.54
C MET B 158 26.87 1.48 -16.53
N GLY B 159 28.05 1.18 -17.06
CA GLY B 159 29.04 2.21 -17.34
C GLY B 159 29.39 3.05 -16.12
N LEU B 160 29.48 4.36 -16.34
CA LEU B 160 29.94 5.26 -15.30
C LEU B 160 28.92 5.44 -14.19
N PHE B 161 27.63 5.22 -14.47
CA PHE B 161 26.67 5.21 -13.36
C PHE B 161 27.02 4.10 -12.39
N GLY B 162 27.26 2.90 -12.90
CA GLY B 162 27.66 1.80 -12.04
C GLY B 162 28.97 2.07 -11.32
N GLN B 163 29.95 2.61 -12.04
CA GLN B 163 31.23 2.94 -11.41
C GLN B 163 31.02 3.91 -10.25
N ASN B 164 30.31 5.01 -10.48
CA ASN B 164 30.06 5.97 -9.41
C ASN B 164 29.28 5.33 -8.27
N MET B 165 28.32 4.47 -8.60
CA MET B 165 27.52 3.81 -7.59
C MET B 165 28.40 3.01 -6.64
N PHE B 166 29.36 2.27 -7.20
CA PHE B 166 30.17 1.39 -6.38
C PHE B 166 31.35 2.11 -5.73
N TYR B 167 31.78 3.26 -6.25
CA TYR B 167 32.88 3.98 -5.63
C TYR B 167 32.45 4.84 -4.46
N HIS B 168 31.16 4.98 -4.21
CA HIS B 168 30.64 5.91 -3.23
C HIS B 168 29.81 5.18 -2.19
N TYR B 169 29.91 5.64 -0.94
CA TYR B 169 29.06 5.12 0.12
C TYR B 169 27.60 5.47 -0.12
N LEU B 170 27.34 6.69 -0.58
CA LEU B 170 25.99 7.21 -0.70
C LEU B 170 25.69 7.59 -2.14
N GLY B 171 24.47 7.27 -2.59
CA GLY B 171 24.04 7.61 -3.93
C GLY B 171 22.57 7.91 -3.97
N ARG B 172 22.20 8.81 -4.89
CA ARG B 172 20.82 9.23 -5.07
C ARG B 172 20.58 9.44 -6.57
N ALA B 173 19.41 9.04 -7.04
CA ALA B 173 19.05 9.27 -8.42
C ALA B 173 17.55 9.02 -8.61
N GLY B 174 16.92 9.87 -9.40
CA GLY B 174 15.64 9.54 -10.00
C GLY B 174 15.88 8.74 -11.26
N TYR B 175 14.80 8.45 -11.97
CA TYR B 175 14.91 7.64 -13.18
C TYR B 175 13.89 8.05 -14.21
N THR B 176 14.23 7.80 -15.47
CA THR B 176 13.27 7.76 -16.57
C THR B 176 13.28 6.34 -17.08
N VAL B 177 12.20 5.61 -16.84
CA VAL B 177 12.03 4.25 -17.30
C VAL B 177 11.20 4.28 -18.56
N HIS B 178 11.67 3.62 -19.61
CA HIS B 178 10.99 3.56 -20.89
C HIS B 178 10.86 2.09 -21.27
N VAL B 179 9.65 1.56 -21.17
CA VAL B 179 9.36 0.20 -21.59
C VAL B 179 8.91 0.24 -23.04
N GLN B 180 9.51 -0.60 -23.87
CA GLN B 180 9.26 -0.62 -25.30
C GLN B 180 8.75 -2.00 -25.68
N CYS B 181 7.58 -2.04 -26.28
CA CYS B 181 6.96 -3.31 -26.68
C CYS B 181 6.05 -3.01 -27.86
N ASN B 182 6.52 -3.33 -29.06
CA ASN B 182 5.75 -3.11 -30.28
C ASN B 182 5.25 -4.44 -30.82
N ALA B 183 4.08 -4.40 -31.42
CA ALA B 183 3.47 -5.54 -32.08
C ALA B 183 2.73 -5.02 -33.29
N SER B 184 1.88 -5.86 -33.88
CA SER B 184 1.10 -5.47 -35.04
C SER B 184 -0.32 -5.12 -34.64
N LYS B 185 -1.05 -4.54 -35.58
CA LYS B 185 -2.46 -4.23 -35.35
C LYS B 185 -3.31 -5.48 -35.19
N PHE B 186 -2.76 -6.65 -35.50
CA PHE B 186 -3.46 -7.91 -35.34
C PHE B 186 -3.05 -8.67 -34.09
N HIS B 187 -2.15 -8.11 -33.28
CA HIS B 187 -1.83 -8.65 -31.97
C HIS B 187 -2.74 -8.04 -30.90
N GLN B 188 -2.80 -8.71 -29.76
CA GLN B 188 -3.52 -8.17 -28.62
C GLN B 188 -2.83 -8.60 -27.34
N GLY B 189 -2.99 -7.78 -26.32
CA GLY B 189 -2.35 -7.99 -25.04
C GLY B 189 -2.14 -6.66 -24.36
N ALA B 190 -1.97 -6.71 -23.04
CA ALA B 190 -1.77 -5.50 -22.27
C ALA B 190 -0.76 -5.78 -21.18
N LEU B 191 0.18 -4.85 -21.01
CA LEU B 191 1.15 -4.92 -19.92
C LEU B 191 0.87 -3.79 -18.94
N GLY B 192 0.80 -4.13 -17.66
CA GLY B 192 0.83 -3.14 -16.62
C GLY B 192 2.25 -2.92 -16.18
N VAL B 193 2.72 -1.67 -16.28
CA VAL B 193 4.06 -1.28 -15.86
C VAL B 193 3.89 -0.42 -14.62
N PHE B 194 4.41 -0.91 -13.49
CA PHE B 194 4.26 -0.26 -12.19
C PHE B 194 5.63 0.07 -11.63
N ALA B 195 5.77 1.30 -11.13
CA ALA B 195 6.95 1.70 -10.37
C ALA B 195 6.56 1.71 -8.90
N VAL B 196 7.15 0.81 -8.13
CA VAL B 196 6.77 0.54 -6.76
C VAL B 196 7.88 1.07 -5.84
N PRO B 197 7.63 2.11 -5.05
CA PRO B 197 8.63 2.47 -4.04
C PRO B 197 8.78 1.37 -3.01
N GLU B 198 10.02 1.06 -2.65
CA GLU B 198 10.31 0.04 -1.65
C GLU B 198 9.62 -1.27 -1.99
N MET B 199 9.88 -1.77 -3.20
CA MET B 199 9.19 -2.96 -3.70
C MET B 199 9.80 -4.19 -3.06
N CYS B 200 9.36 -4.47 -1.84
CA CYS B 200 9.76 -5.68 -1.14
C CYS B 200 8.99 -6.87 -1.69
N LEU B 201 9.69 -7.97 -1.92
CA LEU B 201 9.11 -9.18 -2.48
C LEU B 201 9.18 -10.33 -1.48
N ALA B 202 8.22 -11.24 -1.57
CA ALA B 202 8.13 -12.35 -0.64
C ALA B 202 9.16 -13.42 -0.96
N GLY B 203 9.64 -14.08 0.09
CA GLY B 203 10.63 -15.12 -0.03
C GLY B 203 10.01 -16.46 -0.38
N ASP B 204 10.85 -17.49 -0.34
CA ASP B 204 10.46 -18.83 -0.79
C ASP B 204 10.57 -19.89 0.30
N SER B 205 10.80 -19.49 1.55
CA SER B 205 11.05 -20.43 2.63
C SER B 205 10.18 -20.10 3.83
N THR B 206 10.16 -21.03 4.80
CA THR B 206 9.50 -20.79 6.06
C THR B 206 10.24 -19.76 6.91
N THR B 207 11.54 -19.58 6.67
CA THR B 207 12.30 -18.59 7.42
C THR B 207 11.96 -17.19 6.91
N HIS B 208 11.65 -16.28 7.82
CA HIS B 208 11.23 -14.95 7.44
C HIS B 208 12.42 -14.13 6.96
N MET B 209 12.18 -13.31 5.94
CA MET B 209 13.15 -12.31 5.49
C MET B 209 14.49 -12.95 5.13
N PHE B 210 14.43 -14.12 4.50
CA PHE B 210 15.60 -14.97 4.32
C PHE B 210 16.22 -14.89 2.93
N THR B 211 15.66 -14.09 2.03
CA THR B 211 16.23 -13.97 0.69
C THR B 211 17.62 -13.34 0.77
N LYS B 212 18.60 -13.98 0.15
CA LYS B 212 19.98 -13.52 0.26
C LYS B 212 20.22 -12.33 -0.67
N TYR B 213 21.28 -11.57 -0.35
CA TYR B 213 21.57 -10.36 -1.09
C TYR B 213 21.74 -10.64 -2.58
N GLU B 214 22.41 -11.74 -2.93
CA GLU B 214 22.69 -12.02 -4.33
C GLU B 214 21.40 -12.20 -5.12
N ASN B 215 20.43 -12.93 -4.57
CA ASN B 215 19.18 -13.14 -5.28
C ASN B 215 18.27 -11.91 -5.24
N ALA B 216 18.38 -11.10 -4.18
CA ALA B 216 17.58 -9.88 -4.10
C ALA B 216 18.10 -8.81 -5.06
N ASN B 217 19.31 -8.94 -5.56
CA ASN B 217 19.91 -7.95 -6.46
C ASN B 217 20.41 -8.67 -7.71
N PRO B 218 19.49 -9.12 -8.56
CA PRO B 218 19.90 -9.89 -9.76
C PRO B 218 20.56 -9.04 -10.83
N GLY B 219 20.46 -7.72 -10.77
CA GLY B 219 21.06 -6.89 -11.80
C GLY B 219 20.12 -6.63 -12.96
N GLU B 220 20.68 -6.47 -14.16
CA GLU B 220 19.84 -6.10 -15.30
C GLU B 220 18.88 -7.21 -15.69
N LYS B 221 19.26 -8.47 -15.46
CA LYS B 221 18.37 -9.57 -15.86
C LYS B 221 17.05 -9.53 -15.08
N GLY B 222 17.07 -8.98 -13.86
CA GLY B 222 15.86 -8.90 -13.08
C GLY B 222 15.37 -10.28 -12.65
N GLY B 223 14.07 -10.38 -12.45
CA GLY B 223 13.43 -11.64 -12.09
C GLY B 223 12.04 -11.70 -12.69
N GLU B 224 11.38 -12.84 -12.45
CA GLU B 224 10.07 -13.09 -13.03
C GLU B 224 9.08 -13.44 -11.92
N PHE B 225 7.86 -12.94 -12.07
CA PHE B 225 6.76 -13.36 -11.19
C PHE B 225 6.37 -14.78 -11.50
N LYS B 226 5.86 -15.48 -10.50
CA LYS B 226 5.40 -16.86 -10.65
C LYS B 226 3.88 -16.92 -10.57
N GLY B 227 3.33 -17.99 -11.14
CA GLY B 227 1.90 -18.19 -11.11
C GLY B 227 1.36 -18.77 -9.83
N SER B 228 2.22 -19.34 -8.99
CA SER B 228 1.80 -19.93 -7.73
C SER B 228 3.00 -19.95 -6.79
N PHE B 229 2.70 -20.13 -5.51
CA PHE B 229 3.72 -20.17 -4.48
C PHE B 229 4.25 -21.59 -4.32
N THR B 230 5.55 -21.75 -4.49
CA THR B 230 6.23 -23.02 -4.24
C THR B 230 7.18 -22.82 -3.06
N LEU B 231 6.99 -23.60 -2.01
CA LEU B 231 7.84 -23.50 -0.83
C LEU B 231 9.13 -24.29 -1.04
N ASP B 232 10.26 -23.64 -0.78
CA ASP B 232 11.56 -24.29 -0.89
C ASP B 232 11.79 -25.13 0.36
N THR B 233 11.82 -26.44 0.18
CA THR B 233 11.97 -27.38 1.29
C THR B 233 13.37 -27.94 1.42
N ASN B 234 14.32 -27.50 0.60
CA ASN B 234 15.69 -28.00 0.66
C ASN B 234 16.40 -27.32 1.81
N ALA B 235 16.41 -27.97 2.98
CA ALA B 235 17.00 -27.37 4.17
C ALA B 235 18.51 -27.37 4.14
N THR B 236 19.13 -28.32 3.45
CA THR B 236 20.58 -28.38 3.41
C THR B 236 21.17 -27.22 2.63
N ASN B 237 20.61 -26.93 1.45
CA ASN B 237 21.10 -25.88 0.56
C ASN B 237 19.92 -25.02 0.12
N PRO B 238 19.36 -24.22 1.02
CA PRO B 238 18.19 -23.41 0.66
C PRO B 238 18.50 -22.45 -0.48
N ALA B 239 17.52 -22.28 -1.37
CA ALA B 239 17.69 -21.33 -2.46
C ALA B 239 17.76 -19.90 -1.96
N ARG B 240 17.00 -19.59 -0.89
CA ARG B 240 16.96 -18.24 -0.34
C ARG B 240 16.67 -17.23 -1.43
N ASN B 241 15.66 -17.54 -2.24
CA ASN B 241 15.28 -16.71 -3.38
C ASN B 241 13.86 -16.20 -3.19
N PHE B 242 13.53 -15.15 -3.93
CA PHE B 242 12.17 -14.65 -3.95
C PHE B 242 11.25 -15.68 -4.59
N CYS B 243 9.99 -15.66 -4.18
CA CYS B 243 8.91 -16.39 -4.83
C CYS B 243 7.75 -15.42 -5.02
N PRO B 244 7.90 -14.45 -5.92
CA PRO B 244 6.87 -13.42 -6.09
C PRO B 244 5.73 -13.91 -6.96
N VAL B 245 4.57 -14.13 -6.35
CA VAL B 245 3.39 -14.60 -7.05
C VAL B 245 2.72 -13.42 -7.74
N ASP B 246 2.28 -13.64 -8.98
CA ASP B 246 1.83 -12.53 -9.82
C ASP B 246 0.57 -11.88 -9.28
N TYR B 247 -0.46 -12.68 -8.97
CA TYR B 247 -1.72 -12.09 -8.54
C TYR B 247 -1.63 -11.53 -7.12
N LEU B 248 -0.64 -11.96 -6.35
CA LEU B 248 -0.32 -11.31 -5.08
C LEU B 248 0.69 -10.19 -5.26
N PHE B 249 1.01 -9.83 -6.51
CA PHE B 249 1.96 -8.76 -6.80
C PHE B 249 3.29 -9.02 -6.09
N GLY B 250 3.59 -10.29 -5.86
CA GLY B 250 4.84 -10.70 -5.24
C GLY B 250 5.04 -10.26 -3.81
N SER B 251 4.04 -9.64 -3.18
CA SER B 251 4.20 -9.18 -1.80
C SER B 251 2.93 -9.36 -0.96
N GLY B 252 2.04 -10.28 -1.33
CA GLY B 252 0.87 -10.53 -0.53
C GLY B 252 -0.22 -9.49 -0.65
N VAL B 253 -0.27 -8.73 -1.74
CA VAL B 253 -1.30 -7.75 -2.00
C VAL B 253 -1.88 -8.04 -3.38
N LEU B 254 -3.20 -7.89 -3.52
CA LEU B 254 -3.84 -8.22 -4.79
C LEU B 254 -3.28 -7.36 -5.90
N ALA B 255 -2.91 -8.01 -7.01
CA ALA B 255 -2.32 -7.29 -8.13
C ALA B 255 -3.25 -6.22 -8.66
N GLY B 256 -4.56 -6.44 -8.59
CA GLY B 256 -5.49 -5.45 -9.09
C GLY B 256 -5.33 -4.09 -8.45
N ASN B 257 -4.83 -4.05 -7.22
CA ASN B 257 -4.64 -2.79 -6.51
C ASN B 257 -3.31 -2.13 -6.79
N ALA B 258 -2.41 -2.79 -7.53
CA ALA B 258 -1.11 -2.23 -7.82
C ALA B 258 -1.19 -0.90 -8.57
N PHE B 259 -2.36 -0.60 -9.14
CA PHE B 259 -2.55 0.68 -9.84
C PHE B 259 -2.51 1.87 -8.90
N VAL B 260 -2.54 1.66 -7.58
CA VAL B 260 -2.29 2.77 -6.68
C VAL B 260 -0.88 3.31 -6.89
N TYR B 261 0.03 2.45 -7.33
CA TYR B 261 1.39 2.86 -7.63
C TYR B 261 1.46 3.63 -8.94
N PRO B 262 2.47 4.47 -9.13
CA PRO B 262 2.67 5.09 -10.45
C PRO B 262 2.78 4.01 -11.51
N HIS B 263 2.07 4.20 -12.60
CA HIS B 263 1.94 3.10 -13.56
C HIS B 263 1.52 3.63 -14.92
N GLN B 264 1.72 2.77 -15.91
CA GLN B 264 1.14 2.93 -17.24
C GLN B 264 0.74 1.56 -17.73
N ILE B 265 -0.10 1.53 -18.76
CA ILE B 265 -0.48 0.30 -19.42
C ILE B 265 -0.08 0.39 -20.89
N ILE B 266 0.66 -0.60 -21.36
CA ILE B 266 0.94 -0.77 -22.77
C ILE B 266 -0.15 -1.70 -23.30
N ASN B 267 -1.15 -1.11 -23.94
CA ASN B 267 -2.23 -1.85 -24.57
C ASN B 267 -1.90 -1.94 -26.06
N LEU B 268 -1.60 -3.16 -26.53
CA LEU B 268 -0.99 -3.30 -27.85
C LEU B 268 -1.83 -2.66 -28.94
N ARG B 269 -3.14 -2.57 -28.76
CA ARG B 269 -3.97 -1.91 -29.74
C ARG B 269 -3.83 -0.39 -29.71
N THR B 270 -3.24 0.17 -28.66
CA THR B 270 -3.21 1.61 -28.43
C THR B 270 -1.81 2.19 -28.46
N ASN B 271 -0.87 1.62 -27.72
CA ASN B 271 0.46 2.16 -27.58
C ASN B 271 1.46 1.02 -27.56
N ASN B 272 2.72 1.36 -27.86
CA ASN B 272 3.81 0.38 -27.85
C ASN B 272 4.92 0.78 -26.88
N CYS B 273 4.67 1.73 -25.99
CA CYS B 273 5.69 2.12 -25.04
C CYS B 273 5.04 2.76 -23.83
N ALA B 274 5.76 2.73 -22.72
CA ALA B 274 5.37 3.40 -21.49
C ALA B 274 6.57 4.13 -20.93
N THR B 275 6.34 5.33 -20.39
CA THR B 275 7.41 6.14 -19.84
C THR B 275 7.03 6.59 -18.45
N LEU B 276 7.81 6.18 -17.46
CA LEU B 276 7.62 6.56 -16.07
C LEU B 276 8.80 7.40 -15.63
N VAL B 277 8.52 8.61 -15.15
CA VAL B 277 9.56 9.48 -14.59
C VAL B 277 9.43 9.40 -13.07
N LEU B 278 10.43 8.80 -12.43
CA LEU B 278 10.41 8.52 -11.00
C LEU B 278 11.33 9.49 -10.28
N PRO B 279 10.84 10.27 -9.32
CA PRO B 279 11.76 11.02 -8.47
C PRO B 279 12.46 10.08 -7.49
N TYR B 280 13.53 10.56 -6.88
CA TYR B 280 14.09 9.83 -5.76
C TYR B 280 13.06 9.77 -4.64
N VAL B 281 12.68 8.56 -4.25
CA VAL B 281 11.73 8.35 -3.17
C VAL B 281 12.42 7.52 -2.08
N ASN B 282 12.48 8.08 -0.88
CA ASN B 282 13.13 7.42 0.24
C ASN B 282 12.79 8.20 1.50
N SER B 283 13.01 7.57 2.65
CA SER B 283 12.86 8.24 3.94
C SER B 283 14.08 9.08 4.30
N LEU B 284 15.04 9.21 3.38
CA LEU B 284 16.27 9.97 3.59
C LEU B 284 16.57 10.77 2.34
N SER B 285 17.27 11.88 2.52
CA SER B 285 17.71 12.66 1.36
C SER B 285 18.62 11.83 0.47
N ILE B 286 19.47 11.01 1.05
CA ILE B 286 20.39 10.17 0.29
C ILE B 286 20.68 8.92 1.09
N ASP B 287 20.97 7.83 0.39
CA ASP B 287 21.09 6.54 1.03
C ASP B 287 22.17 5.73 0.30
N SER B 288 22.43 4.52 0.81
CA SER B 288 23.39 3.62 0.19
C SER B 288 22.71 2.86 -0.95
N MET B 289 23.23 3.01 -2.16
CA MET B 289 22.63 2.38 -3.32
C MET B 289 22.89 0.87 -3.34
N THR B 290 23.98 0.42 -2.74
CA THR B 290 24.27 -1.02 -2.75
C THR B 290 23.38 -1.75 -1.75
N LYS B 291 23.11 -1.15 -0.60
CA LYS B 291 22.27 -1.80 0.40
C LYS B 291 20.78 -1.74 0.04
N HIS B 292 20.35 -0.64 -0.58
CA HIS B 292 18.94 -0.29 -0.63
C HIS B 292 18.51 0.00 -2.06
N ASN B 293 17.45 -0.67 -2.50
CA ASN B 293 16.84 -0.40 -3.80
C ASN B 293 15.64 0.51 -3.57
N ASN B 294 15.71 1.73 -4.10
CA ASN B 294 14.66 2.70 -3.86
C ASN B 294 13.39 2.34 -4.62
N TRP B 295 13.54 1.84 -5.85
CA TRP B 295 12.38 1.59 -6.69
C TRP B 295 12.40 0.14 -7.16
N GLY B 296 11.20 -0.39 -7.40
CA GLY B 296 11.05 -1.61 -8.17
C GLY B 296 10.23 -1.30 -9.41
N ILE B 297 10.54 -2.00 -10.49
CA ILE B 297 9.74 -1.96 -11.70
C ILE B 297 9.09 -3.33 -11.85
N ALA B 298 7.78 -3.35 -11.96
CA ALA B 298 7.04 -4.58 -12.19
C ALA B 298 6.29 -4.47 -13.50
N ILE B 299 6.36 -5.53 -14.31
CA ILE B 299 5.62 -5.61 -15.55
C ILE B 299 4.80 -6.88 -15.49
N LEU B 300 3.48 -6.73 -15.55
CA LEU B 300 2.57 -7.86 -15.45
C LEU B 300 1.69 -7.92 -16.69
N PRO B 301 1.53 -9.07 -17.32
CA PRO B 301 0.56 -9.14 -18.42
C PRO B 301 -0.87 -9.10 -17.88
N LEU B 302 -1.50 -7.93 -17.99
CA LEU B 302 -2.88 -7.78 -17.56
C LEU B 302 -3.82 -8.54 -18.48
N ALA B 303 -3.58 -8.50 -19.79
CA ALA B 303 -4.28 -9.30 -20.77
C ALA B 303 -3.26 -10.14 -21.54
N PRO B 304 -3.47 -11.44 -21.69
CA PRO B 304 -2.42 -12.28 -22.28
C PRO B 304 -2.11 -11.89 -23.71
N LEU B 305 -0.86 -12.11 -24.10
CA LEU B 305 -0.47 -11.94 -25.50
C LEU B 305 -1.21 -12.94 -26.37
N ASP B 306 -1.75 -12.47 -27.49
CA ASP B 306 -2.43 -13.36 -28.41
C ASP B 306 -2.23 -12.87 -29.84
N PHE B 307 -2.25 -13.81 -30.77
CA PHE B 307 -2.03 -13.54 -32.18
C PHE B 307 -2.62 -14.70 -32.95
N ALA B 308 -3.26 -14.41 -34.09
CA ALA B 308 -4.05 -15.42 -34.78
C ALA B 308 -3.18 -16.46 -35.46
N THR B 309 -2.47 -17.25 -34.66
CA THR B 309 -1.65 -18.35 -35.18
C THR B 309 -1.64 -19.49 -34.17
N GLU B 310 -1.61 -20.71 -34.69
CA GLU B 310 -1.50 -21.88 -33.81
C GLU B 310 -0.18 -21.86 -33.05
N SER B 311 0.91 -21.52 -33.73
CA SER B 311 2.21 -21.42 -33.08
C SER B 311 2.20 -20.29 -32.05
N SER B 312 2.93 -20.50 -30.96
CA SER B 312 2.96 -19.53 -29.88
C SER B 312 3.76 -18.30 -30.31
N THR B 313 3.08 -17.16 -30.40
CA THR B 313 3.76 -15.93 -30.74
C THR B 313 4.57 -15.42 -29.54
N GLU B 314 5.60 -14.65 -29.84
CA GLU B 314 6.45 -14.06 -28.81
C GLU B 314 6.88 -12.68 -29.30
N ILE B 315 6.77 -11.68 -28.43
CA ILE B 315 7.27 -10.36 -28.80
C ILE B 315 8.21 -9.86 -27.71
N PRO B 316 9.24 -9.10 -28.05
CA PRO B 316 10.18 -8.64 -27.02
C PRO B 316 9.71 -7.39 -26.30
N ILE B 317 10.13 -7.30 -25.04
CA ILE B 317 10.00 -6.10 -24.22
C ILE B 317 11.40 -5.63 -23.89
N THR B 318 11.67 -4.36 -24.11
CA THR B 318 12.99 -3.77 -23.85
C THR B 318 12.84 -2.62 -22.86
N LEU B 319 13.63 -2.67 -21.81
CA LEU B 319 13.67 -1.59 -20.82
C LEU B 319 14.87 -0.69 -21.09
N THR B 320 14.62 0.61 -21.17
CA THR B 320 15.67 1.61 -21.31
C THR B 320 15.51 2.59 -20.16
N ILE B 321 16.50 2.67 -19.29
CA ILE B 321 16.39 3.43 -18.04
C ILE B 321 17.51 4.44 -17.99
N ALA B 322 17.16 5.69 -17.70
CA ALA B 322 18.14 6.74 -17.51
C ALA B 322 18.13 7.21 -16.07
N PRO B 323 19.23 7.09 -15.33
CA PRO B 323 19.33 7.81 -14.06
C PRO B 323 19.21 9.30 -14.31
N MET B 324 18.69 10.01 -13.32
CA MET B 324 18.48 11.45 -13.42
C MET B 324 18.87 12.11 -12.12
N CYS B 325 19.50 13.28 -12.22
CA CYS B 325 19.95 14.02 -11.05
C CYS B 325 20.76 13.12 -10.12
N CYS B 326 21.70 12.39 -10.71
CA CYS B 326 22.56 11.53 -9.93
C CYS B 326 23.44 12.36 -9.00
N GLU B 327 23.57 11.91 -7.77
CA GLU B 327 24.36 12.61 -6.76
C GLU B 327 25.02 11.55 -5.88
N PHE B 328 26.33 11.67 -5.70
CA PHE B 328 27.07 10.66 -4.94
C PHE B 328 27.91 11.34 -3.88
N ASN B 329 28.06 10.65 -2.75
CA ASN B 329 28.84 11.14 -1.61
C ASN B 329 29.61 9.99 -1.00
N GLY B 330 30.69 10.33 -0.30
CA GLY B 330 31.45 9.34 0.44
C GLY B 330 32.35 8.50 -0.45
N LEU B 331 33.30 9.14 -1.11
CA LEU B 331 34.19 8.45 -2.02
C LEU B 331 35.24 7.65 -1.25
N ARG B 332 35.47 6.41 -1.68
CA ARG B 332 36.55 5.58 -1.17
C ARG B 332 36.86 4.51 -2.21
N ASN B 333 37.56 3.47 -1.81
CA ASN B 333 37.82 2.35 -2.71
C ASN B 333 36.51 1.71 -3.16
N ILE B 334 36.56 1.00 -4.28
CA ILE B 334 35.34 0.53 -4.92
C ILE B 334 34.75 -0.64 -4.14
N THR B 335 33.43 -0.62 -3.98
CA THR B 335 32.71 -1.76 -3.43
C THR B 335 32.61 -2.86 -4.46
N VAL B 336 32.98 -4.08 -4.09
CA VAL B 336 32.84 -5.23 -4.97
C VAL B 336 31.88 -6.22 -4.33
N PRO B 337 30.59 -6.16 -4.64
CA PRO B 337 29.64 -7.05 -3.98
C PRO B 337 29.91 -8.52 -4.30
N ARG B 338 29.61 -9.37 -3.33
CA ARG B 338 29.68 -10.81 -3.54
C ARG B 338 28.60 -11.23 -4.53
N THR B 339 28.95 -12.17 -5.41
CA THR B 339 28.05 -12.65 -6.44
C THR B 339 28.00 -14.17 -6.40
N GLN B 340 27.10 -14.73 -7.21
CA GLN B 340 26.87 -16.17 -7.25
C GLN B 340 26.45 -16.69 -5.89
N GLY C 1 -6.80 22.04 48.49
CA GLY C 1 -6.66 22.66 47.14
C GLY C 1 -7.99 23.10 46.55
N LEU C 2 -8.02 23.27 45.24
CA LEU C 2 -9.23 23.66 44.55
C LEU C 2 -10.28 22.56 44.69
N PRO C 3 -11.48 22.86 45.16
CA PRO C 3 -12.51 21.82 45.23
C PRO C 3 -12.84 21.29 43.84
N VAL C 4 -12.82 19.96 43.72
CA VAL C 4 -13.14 19.28 42.47
C VAL C 4 -14.09 18.14 42.77
N LEU C 5 -14.80 17.72 41.73
CA LEU C 5 -15.77 16.63 41.82
C LEU C 5 -15.58 15.73 40.61
N ASN C 6 -15.21 14.47 40.87
CA ASN C 6 -14.95 13.52 39.79
C ASN C 6 -16.26 13.07 39.18
N THR C 7 -16.37 13.15 37.87
CA THR C 7 -17.59 12.82 37.15
C THR C 7 -17.51 11.40 36.60
N PRO C 8 -18.64 10.86 36.16
CA PRO C 8 -18.59 9.55 35.50
C PRO C 8 -17.66 9.60 34.30
N GLY C 9 -17.04 8.47 34.02
CA GLY C 9 -16.01 8.39 33.00
C GLY C 9 -14.61 8.60 33.53
N SER C 10 -14.46 9.17 34.72
CA SER C 10 -13.14 9.30 35.32
C SER C 10 -12.48 7.93 35.42
N ASN C 11 -11.18 7.90 35.15
CA ASN C 11 -10.33 6.72 35.29
C ASN C 11 -10.58 5.67 34.23
N GLN C 12 -11.52 5.89 33.31
CA GLN C 12 -11.69 4.97 32.19
C GLN C 12 -10.61 5.20 31.16
N TYR C 13 -10.47 4.24 30.24
CA TYR C 13 -9.58 4.37 29.10
C TYR C 13 -10.40 4.14 27.83
N LEU C 14 -10.79 5.22 27.18
CA LEU C 14 -11.45 5.17 25.88
C LEU C 14 -10.39 5.20 24.79
N THR C 15 -10.32 4.13 23.99
CA THR C 15 -9.27 4.02 22.99
C THR C 15 -9.36 5.10 21.93
N ALA C 16 -10.50 5.79 21.82
CA ALA C 16 -10.66 6.90 20.89
C ALA C 16 -10.48 8.26 21.55
N ASP C 17 -10.07 8.29 22.81
CA ASP C 17 -9.95 9.56 23.50
C ASP C 17 -8.79 10.36 22.91
N ASN C 18 -8.84 11.68 23.13
CA ASN C 18 -7.81 12.60 22.65
C ASN C 18 -7.42 13.49 23.83
N TYR C 19 -6.52 13.00 24.65
CA TYR C 19 -6.03 13.70 25.82
C TYR C 19 -4.53 13.93 25.70
N GLN C 20 -4.01 14.83 26.53
CA GLN C 20 -2.58 15.03 26.64
C GLN C 20 -2.00 14.04 27.63
N SER C 21 -0.75 13.67 27.41
CA SER C 21 -0.02 12.77 28.29
C SER C 21 1.42 13.25 28.41
N PRO C 22 2.10 12.91 29.49
CA PRO C 22 3.49 13.38 29.65
C PRO C 22 4.42 12.71 28.65
N CYS C 23 5.38 13.48 28.16
CA CYS C 23 6.37 12.96 27.23
C CYS C 23 7.42 12.14 27.98
N ALA C 24 7.63 10.91 27.55
CA ALA C 24 8.62 10.05 28.18
C ALA C 24 10.05 10.36 27.75
N ILE C 25 10.24 11.15 26.69
CA ILE C 25 11.57 11.53 26.23
C ILE C 25 11.61 13.05 26.03
N PRO C 26 11.67 13.84 27.10
CA PRO C 26 11.62 15.28 26.93
C PRO C 26 12.84 15.84 26.23
N GLU C 27 12.64 16.96 25.53
CA GLU C 27 13.70 17.72 24.87
C GLU C 27 14.37 16.91 23.77
N PHE C 28 13.69 15.93 23.21
CA PHE C 28 14.23 15.16 22.11
C PHE C 28 14.41 16.03 20.88
N ASP C 29 15.54 15.88 20.20
CA ASP C 29 15.85 16.64 18.99
C ASP C 29 15.30 15.87 17.79
N VAL C 30 14.05 16.17 17.44
CA VAL C 30 13.36 15.41 16.39
C VAL C 30 13.99 15.68 15.03
N THR C 31 14.19 14.63 14.25
CA THR C 31 14.68 14.81 12.89
C THR C 31 13.63 15.54 12.06
N PRO C 32 13.99 16.64 11.39
CA PRO C 32 13.01 17.38 10.62
C PRO C 32 12.54 16.57 9.42
N PRO C 33 11.34 16.83 8.92
CA PRO C 33 10.87 16.12 7.73
C PRO C 33 11.56 16.63 6.48
N ILE C 34 11.53 15.78 5.45
CA ILE C 34 11.92 16.16 4.10
C ILE C 34 10.68 16.06 3.22
N ASP C 35 10.78 16.67 2.03
CA ASP C 35 9.66 16.68 1.09
C ASP C 35 9.67 15.37 0.30
N ILE C 36 9.14 14.33 0.93
CA ILE C 36 9.01 13.04 0.24
C ILE C 36 7.88 13.13 -0.78
N PRO C 37 8.05 12.61 -1.99
CA PRO C 37 6.95 12.60 -2.95
C PRO C 37 5.80 11.70 -2.48
N GLY C 38 4.60 12.02 -2.96
CA GLY C 38 3.47 11.14 -2.77
C GLY C 38 2.80 11.20 -1.41
N GLU C 39 2.79 12.36 -0.76
CA GLU C 39 2.12 12.48 0.53
C GLU C 39 0.62 12.31 0.36
N VAL C 40 0.01 11.63 1.31
CA VAL C 40 -1.43 11.40 1.31
C VAL C 40 -2.02 12.03 2.57
N ARG C 41 -3.11 12.78 2.40
CA ARG C 41 -3.75 13.45 3.51
C ARG C 41 -5.15 12.95 3.83
N ASN C 42 -5.78 12.20 2.93
CA ASN C 42 -7.10 11.63 3.19
C ASN C 42 -7.19 10.27 2.53
N MET C 43 -7.77 9.31 3.25
CA MET C 43 -7.92 7.96 2.70
C MET C 43 -8.77 7.96 1.45
N MET C 44 -9.68 8.92 1.31
CA MET C 44 -10.48 9.00 0.09
C MET C 44 -9.59 9.22 -1.13
N GLU C 45 -8.47 9.93 -0.97
CA GLU C 45 -7.53 10.07 -2.08
C GLU C 45 -7.16 8.71 -2.65
N LEU C 46 -7.03 7.71 -1.78
CA LEU C 46 -6.72 6.36 -2.25
C LEU C 46 -7.91 5.72 -2.94
N ALA C 47 -9.12 5.95 -2.42
CA ALA C 47 -10.32 5.39 -3.02
C ALA C 47 -10.60 5.98 -4.40
N GLU C 48 -10.12 7.19 -4.67
CA GLU C 48 -10.33 7.83 -5.95
C GLU C 48 -9.40 7.32 -7.04
N ILE C 49 -8.49 6.41 -6.72
CA ILE C 49 -7.59 5.83 -7.72
C ILE C 49 -8.25 4.58 -8.30
N ASP C 50 -8.31 4.51 -9.62
CA ASP C 50 -8.83 3.31 -10.28
C ASP C 50 -7.98 2.11 -9.93
N THR C 51 -8.64 1.03 -9.53
CA THR C 51 -7.98 -0.26 -9.30
C THR C 51 -8.80 -1.35 -9.97
N MET C 52 -8.11 -2.37 -10.44
CA MET C 52 -8.73 -3.37 -11.29
C MET C 52 -9.70 -4.25 -10.50
N ILE C 53 -10.84 -4.55 -11.10
CA ILE C 53 -11.91 -5.29 -10.45
C ILE C 53 -11.70 -6.78 -10.74
N PRO C 54 -11.61 -7.64 -9.72
CA PRO C 54 -11.62 -9.08 -9.99
C PRO C 54 -12.99 -9.54 -10.46
N LEU C 55 -13.34 -9.19 -11.70
CA LEU C 55 -14.70 -9.36 -12.17
C LEU C 55 -15.09 -10.83 -12.33
N ASN C 56 -14.13 -11.70 -12.63
CA ASN C 56 -14.42 -13.07 -13.03
C ASN C 56 -13.96 -14.02 -11.94
N LEU C 57 -14.80 -14.19 -10.92
CA LEU C 57 -14.47 -15.04 -9.77
C LEU C 57 -15.06 -16.44 -9.92
N THR C 58 -14.80 -17.09 -11.05
CA THR C 58 -15.27 -18.45 -11.23
C THR C 58 -14.32 -19.41 -10.49
N ASN C 59 -14.65 -20.69 -10.52
CA ASN C 59 -13.87 -21.66 -9.75
C ASN C 59 -12.44 -21.73 -10.25
N GLN C 60 -12.24 -21.71 -11.56
CA GLN C 60 -10.90 -21.84 -12.13
C GLN C 60 -10.15 -20.51 -12.26
N ARG C 61 -10.83 -19.39 -12.11
CA ARG C 61 -10.20 -18.09 -12.31
C ARG C 61 -9.91 -17.36 -11.00
N LYS C 62 -10.70 -17.58 -9.96
CA LYS C 62 -10.51 -16.85 -8.71
C LYS C 62 -9.14 -17.13 -8.14
N ASN C 63 -8.54 -16.10 -7.54
CA ASN C 63 -7.21 -16.22 -6.94
C ASN C 63 -6.14 -16.52 -7.98
N THR C 64 -6.36 -16.00 -9.20
CA THR C 64 -5.38 -16.01 -10.27
C THR C 64 -5.53 -14.71 -11.03
N MET C 65 -4.56 -14.39 -11.89
CA MET C 65 -4.68 -13.19 -12.70
C MET C 65 -5.91 -13.26 -13.60
N ASP C 66 -6.34 -14.46 -13.97
CA ASP C 66 -7.48 -14.62 -14.86
C ASP C 66 -8.74 -13.98 -14.29
N MET C 67 -8.84 -13.86 -12.96
CA MET C 67 -10.04 -13.30 -12.38
C MET C 67 -10.24 -11.84 -12.77
N TYR C 68 -9.20 -11.18 -13.26
CA TYR C 68 -9.31 -9.79 -13.66
C TYR C 68 -9.76 -9.61 -15.11
N ARG C 69 -9.86 -10.70 -15.88
CA ARG C 69 -10.13 -10.62 -17.31
C ARG C 69 -11.54 -11.12 -17.59
N VAL C 70 -12.31 -10.34 -18.34
CA VAL C 70 -13.62 -10.77 -18.83
C VAL C 70 -13.49 -11.00 -20.32
N GLU C 71 -13.84 -12.20 -20.77
CA GLU C 71 -13.65 -12.58 -22.16
C GLU C 71 -14.85 -12.14 -23.00
N LEU C 72 -14.56 -11.39 -24.06
CA LEU C 72 -15.49 -11.11 -25.14
C LEU C 72 -15.07 -11.90 -26.37
N ASN C 73 -16.02 -12.13 -27.26
CA ASN C 73 -15.74 -12.79 -28.52
C ASN C 73 -16.62 -12.17 -29.60
N ASP C 74 -16.47 -12.65 -30.84
CA ASP C 74 -17.13 -12.07 -31.99
C ASP C 74 -18.36 -12.86 -32.42
N ALA C 75 -18.96 -13.60 -31.50
CA ALA C 75 -20.15 -14.38 -31.82
C ALA C 75 -21.29 -13.45 -32.24
N ALA C 76 -22.34 -14.05 -32.78
CA ALA C 76 -23.50 -13.28 -33.21
C ALA C 76 -24.07 -12.50 -32.02
N HIS C 77 -24.82 -11.46 -32.34
CA HIS C 77 -25.39 -10.61 -31.29
C HIS C 77 -26.31 -11.42 -30.39
N SER C 78 -26.26 -11.10 -29.10
CA SER C 78 -27.19 -11.64 -28.12
C SER C 78 -27.50 -10.55 -27.10
N ASP C 79 -28.63 -10.71 -26.42
CA ASP C 79 -29.01 -9.80 -25.35
C ASP C 79 -28.58 -10.27 -23.97
N THR C 80 -27.90 -11.42 -23.87
CA THR C 80 -27.52 -11.94 -22.58
C THR C 80 -26.37 -11.13 -21.99
N PRO C 81 -26.34 -10.94 -20.67
CA PRO C 81 -25.32 -10.07 -20.08
C PRO C 81 -23.92 -10.63 -20.28
N ILE C 82 -22.95 -9.73 -20.43
CA ILE C 82 -21.55 -10.12 -20.42
C ILE C 82 -21.07 -10.31 -18.99
N LEU C 83 -21.38 -9.36 -18.12
CA LEU C 83 -21.04 -9.45 -16.71
C LEU C 83 -22.13 -8.76 -15.90
N CYS C 84 -22.28 -9.20 -14.66
CA CYS C 84 -23.28 -8.70 -13.74
C CYS C 84 -22.69 -8.59 -12.35
N LEU C 85 -22.97 -7.49 -11.65
CA LEU C 85 -22.55 -7.35 -10.27
C LEU C 85 -23.50 -6.41 -9.56
N SER C 86 -23.45 -6.43 -8.23
CA SER C 86 -24.28 -5.58 -7.40
C SER C 86 -23.48 -4.40 -6.90
N LEU C 87 -24.15 -3.24 -6.79
CA LEU C 87 -23.51 -2.03 -6.29
C LEU C 87 -23.44 -2.09 -4.76
N SER C 88 -22.60 -3.00 -4.28
CA SER C 88 -22.28 -3.14 -2.86
C SER C 88 -20.76 -3.05 -2.78
N PRO C 89 -20.21 -1.84 -2.89
CA PRO C 89 -18.76 -1.72 -3.09
C PRO C 89 -17.94 -2.31 -1.95
N ALA C 90 -18.50 -2.45 -0.76
CA ALA C 90 -17.77 -2.99 0.37
C ALA C 90 -18.00 -4.48 0.58
N SER C 91 -19.14 -5.02 0.16
CA SER C 91 -19.47 -6.40 0.44
C SER C 91 -19.53 -7.29 -0.80
N ASP C 92 -19.79 -6.73 -1.98
CA ASP C 92 -19.75 -7.54 -3.18
C ASP C 92 -18.33 -8.10 -3.36
N PRO C 93 -18.18 -9.42 -3.49
CA PRO C 93 -16.81 -9.98 -3.52
C PRO C 93 -15.97 -9.45 -4.66
N ARG C 94 -16.59 -9.02 -5.75
CA ARG C 94 -15.85 -8.45 -6.87
C ARG C 94 -15.40 -7.01 -6.59
N LEU C 95 -16.04 -6.31 -5.66
CA LEU C 95 -15.63 -4.97 -5.30
C LEU C 95 -14.97 -4.87 -3.93
N ALA C 96 -15.20 -5.84 -3.05
CA ALA C 96 -14.74 -5.71 -1.66
C ALA C 96 -13.23 -5.58 -1.58
N HIS C 97 -12.50 -6.29 -2.44
CA HIS C 97 -11.06 -6.37 -2.35
C HIS C 97 -10.34 -5.43 -3.31
N THR C 98 -11.07 -4.54 -3.99
CA THR C 98 -10.42 -3.43 -4.66
C THR C 98 -9.96 -2.41 -3.62
N MET C 99 -9.15 -1.46 -4.05
CA MET C 99 -8.71 -0.43 -3.11
C MET C 99 -9.89 0.32 -2.54
N LEU C 100 -10.88 0.66 -3.37
CA LEU C 100 -12.10 1.28 -2.88
C LEU C 100 -12.77 0.41 -1.84
N GLY C 101 -12.94 -0.88 -2.13
CA GLY C 101 -13.60 -1.77 -1.19
C GLY C 101 -12.79 -1.96 0.07
N GLU C 102 -11.46 -2.06 -0.06
CA GLU C 102 -10.61 -2.20 1.12
C GLU C 102 -10.75 -1.00 2.04
N ILE C 103 -10.77 0.21 1.47
CA ILE C 103 -10.96 1.40 2.28
C ILE C 103 -12.34 1.41 2.91
N LEU C 104 -13.37 1.06 2.13
CA LEU C 104 -14.73 1.06 2.66
C LEU C 104 -14.89 0.10 3.82
N ASN C 105 -14.15 -1.01 3.80
CA ASN C 105 -14.28 -2.01 4.85
C ASN C 105 -13.69 -1.55 6.19
N TYR C 106 -13.10 -0.36 6.25
CA TYR C 106 -12.75 0.26 7.52
C TYR C 106 -13.79 1.26 7.98
N TYR C 107 -14.91 1.38 7.27
CA TYR C 107 -15.92 2.36 7.61
C TYR C 107 -17.30 1.71 7.52
N THR C 108 -18.23 2.25 8.29
CA THR C 108 -19.58 1.70 8.34
C THR C 108 -20.49 2.31 7.29
N HIS C 109 -20.27 3.58 6.93
CA HIS C 109 -21.17 4.26 6.01
C HIS C 109 -20.39 4.85 4.84
N TRP C 110 -20.99 4.80 3.66
CA TRP C 110 -20.41 5.38 2.45
C TRP C 110 -21.50 6.07 1.65
N ALA C 111 -21.12 7.12 0.93
CA ALA C 111 -22.04 7.80 0.05
C ALA C 111 -21.24 8.46 -1.07
N GLY C 112 -21.85 8.56 -2.23
CA GLY C 112 -21.25 9.24 -3.36
C GLY C 112 -21.33 8.40 -4.62
N SER C 113 -20.93 9.02 -5.72
CA SER C 113 -20.97 8.39 -7.02
C SER C 113 -19.74 7.53 -7.22
N LEU C 114 -19.92 6.39 -7.88
CA LEU C 114 -18.81 5.52 -8.23
C LEU C 114 -18.49 5.67 -9.71
N LYS C 115 -17.34 5.15 -10.11
CA LYS C 115 -16.83 5.36 -11.46
C LYS C 115 -16.22 4.05 -11.95
N PHE C 116 -16.89 3.39 -12.90
CA PHE C 116 -16.43 2.13 -13.45
C PHE C 116 -15.82 2.39 -14.83
N THR C 117 -14.58 2.00 -15.02
CA THR C 117 -13.89 2.14 -16.28
C THR C 117 -13.59 0.76 -16.85
N PHE C 118 -13.77 0.61 -18.15
CA PHE C 118 -13.50 -0.66 -18.82
C PHE C 118 -12.49 -0.42 -19.94
N LEU C 119 -11.47 -1.27 -19.97
CA LEU C 119 -10.40 -1.20 -20.95
C LEU C 119 -10.51 -2.39 -21.89
N PHE C 120 -10.61 -2.11 -23.19
CA PHE C 120 -10.69 -3.15 -24.20
C PHE C 120 -9.27 -3.53 -24.63
N CYS C 121 -8.93 -4.80 -24.46
CA CYS C 121 -7.58 -5.29 -24.73
C CYS C 121 -7.55 -6.24 -25.92
N GLY C 122 -8.46 -6.06 -26.88
CA GLY C 122 -8.40 -6.79 -28.12
C GLY C 122 -7.44 -6.13 -29.09
N SER C 123 -7.40 -6.69 -30.29
CA SER C 123 -6.56 -6.15 -31.34
C SER C 123 -7.13 -4.82 -31.85
N MET C 124 -6.26 -4.04 -32.49
CA MET C 124 -6.72 -2.78 -33.06
C MET C 124 -7.74 -3.02 -34.17
N MET C 125 -7.68 -4.18 -34.82
CA MET C 125 -8.60 -4.50 -35.90
C MET C 125 -9.96 -4.95 -35.42
N ALA C 126 -10.15 -5.13 -34.11
CA ALA C 126 -11.43 -5.51 -33.55
C ALA C 126 -12.29 -4.27 -33.31
N THR C 127 -13.57 -4.38 -33.64
CA THR C 127 -14.52 -3.30 -33.43
C THR C 127 -15.74 -3.87 -32.70
N GLY C 128 -16.47 -2.99 -32.05
CA GLY C 128 -17.69 -3.39 -31.40
C GLY C 128 -18.33 -2.27 -30.60
N LYS C 129 -19.59 -2.46 -30.25
CA LYS C 129 -20.29 -1.53 -29.37
C LYS C 129 -20.89 -2.32 -28.22
N LEU C 130 -20.65 -1.86 -27.00
CA LEU C 130 -21.16 -2.47 -25.80
C LEU C 130 -22.10 -1.50 -25.11
N LEU C 131 -22.88 -2.02 -24.17
CA LEU C 131 -23.77 -1.21 -23.36
C LEU C 131 -23.49 -1.53 -21.90
N VAL C 132 -23.17 -0.50 -21.11
CA VAL C 132 -22.88 -0.65 -19.70
C VAL C 132 -23.97 0.06 -18.93
N SER C 133 -24.64 -0.67 -18.05
CA SER C 133 -25.88 -0.23 -17.45
C SER C 133 -25.80 -0.29 -15.93
N TYR C 134 -26.50 0.66 -15.31
CA TYR C 134 -26.73 0.71 -13.88
C TYR C 134 -28.23 0.85 -13.66
N ALA C 135 -28.82 -0.12 -12.99
CA ALA C 135 -30.24 -0.10 -12.65
C ALA C 135 -30.36 0.17 -11.15
N PRO C 136 -30.87 1.32 -10.73
CA PRO C 136 -31.11 1.53 -9.31
C PRO C 136 -32.04 0.45 -8.78
N PRO C 137 -31.91 0.09 -7.51
CA PRO C 137 -32.57 -1.12 -7.01
C PRO C 137 -34.08 -1.00 -6.92
N GLY C 138 -34.73 -2.09 -6.51
CA GLY C 138 -36.16 -2.11 -6.29
C GLY C 138 -36.95 -2.84 -7.35
N ALA C 139 -36.34 -3.18 -8.48
CA ALA C 139 -36.97 -3.98 -9.52
C ALA C 139 -36.15 -5.23 -9.77
N GLU C 140 -36.66 -6.10 -10.62
CA GLU C 140 -35.91 -7.31 -10.96
C GLU C 140 -34.60 -6.94 -11.64
N ALA C 141 -33.54 -7.66 -11.30
CA ALA C 141 -32.24 -7.35 -11.83
C ALA C 141 -32.23 -7.56 -13.34
N PRO C 142 -31.64 -6.65 -14.11
CA PRO C 142 -31.65 -6.81 -15.58
C PRO C 142 -30.94 -8.08 -16.00
N LYS C 143 -31.67 -8.97 -16.67
CA LYS C 143 -31.10 -10.19 -17.21
C LYS C 143 -31.04 -10.18 -18.74
N SER C 144 -31.41 -9.08 -19.38
CA SER C 144 -31.20 -8.93 -20.82
C SER C 144 -31.06 -7.44 -21.11
N ARG C 145 -30.51 -7.13 -22.28
CA ARG C 145 -30.29 -5.75 -22.64
C ARG C 145 -31.59 -4.95 -22.64
N LYS C 146 -32.72 -5.61 -22.92
CA LYS C 146 -33.99 -4.90 -22.99
C LYS C 146 -34.33 -4.23 -21.67
N GLU C 147 -34.14 -4.95 -20.55
CA GLU C 147 -34.40 -4.34 -19.25
C GLU C 147 -33.28 -3.38 -18.87
N ALA C 148 -32.05 -3.72 -19.20
CA ALA C 148 -30.91 -2.92 -18.73
C ALA C 148 -30.91 -1.54 -19.37
N MET C 149 -31.32 -1.44 -20.63
CA MET C 149 -31.28 -0.15 -21.31
C MET C 149 -32.32 0.82 -20.76
N LEU C 150 -33.24 0.36 -19.91
CA LEU C 150 -34.19 1.27 -19.27
C LEU C 150 -33.58 2.04 -18.11
N GLY C 151 -32.51 1.53 -17.50
CA GLY C 151 -31.80 2.23 -16.46
C GLY C 151 -30.75 3.16 -17.01
N THR C 152 -29.95 3.70 -16.10
CA THR C 152 -28.80 4.49 -16.52
C THR C 152 -27.90 3.63 -17.40
N HIS C 153 -27.40 4.18 -18.49
CA HIS C 153 -26.51 3.37 -19.30
C HIS C 153 -25.68 4.24 -20.23
N VAL C 154 -24.56 3.68 -20.66
CA VAL C 154 -23.65 4.28 -21.62
C VAL C 154 -23.40 3.26 -22.71
N ILE C 155 -23.48 3.69 -23.96
CA ILE C 155 -23.15 2.85 -25.10
C ILE C 155 -21.72 3.16 -25.48
N TRP C 156 -20.85 2.16 -25.35
CA TRP C 156 -19.42 2.28 -25.52
C TRP C 156 -19.05 1.83 -26.92
N ASP C 157 -18.44 2.73 -27.70
CA ASP C 157 -17.94 2.40 -29.02
C ASP C 157 -16.45 2.09 -28.91
N ILE C 158 -16.07 0.88 -29.25
CA ILE C 158 -14.67 0.45 -29.20
C ILE C 158 -13.95 1.01 -30.42
N GLY C 159 -13.03 1.94 -30.19
CA GLY C 159 -12.29 2.57 -31.28
C GLY C 159 -10.91 2.97 -30.82
N LEU C 160 -10.43 4.12 -31.31
CA LEU C 160 -9.09 4.56 -30.95
C LEU C 160 -8.95 4.73 -29.44
N GLN C 161 -9.94 5.35 -28.80
CA GLN C 161 -10.00 5.41 -27.34
C GLN C 161 -10.55 4.07 -26.85
N SER C 162 -9.68 3.25 -26.27
CA SER C 162 -10.01 1.88 -25.92
C SER C 162 -10.66 1.73 -24.56
N SER C 163 -10.86 2.83 -23.82
CA SER C 163 -11.44 2.77 -22.50
C SER C 163 -12.73 3.58 -22.45
N CYS C 164 -13.69 3.11 -21.67
CA CYS C 164 -14.92 3.84 -21.45
C CYS C 164 -15.26 3.87 -19.97
N THR C 165 -15.76 5.00 -19.51
CA THR C 165 -16.13 5.20 -18.11
C THR C 165 -17.64 5.39 -18.01
N MET C 166 -18.26 4.65 -17.10
CA MET C 166 -19.64 4.87 -16.70
C MET C 166 -19.63 5.32 -15.26
N VAL C 167 -20.22 6.48 -15.00
CA VAL C 167 -20.39 6.97 -13.65
C VAL C 167 -21.69 6.40 -13.10
N VAL C 168 -21.60 5.69 -11.98
CA VAL C 168 -22.77 5.25 -11.24
C VAL C 168 -23.15 6.41 -10.33
N PRO C 169 -24.17 7.19 -10.68
CA PRO C 169 -24.53 8.34 -9.85
C PRO C 169 -25.07 7.91 -8.50
N TRP C 170 -24.85 8.76 -7.50
CA TRP C 170 -25.41 8.52 -6.18
C TRP C 170 -26.92 8.66 -6.24
N ILE C 171 -27.62 7.53 -6.16
CA ILE C 171 -29.08 7.50 -6.11
C ILE C 171 -29.43 6.61 -4.93
N SER C 172 -29.83 7.21 -3.82
CA SER C 172 -30.09 6.48 -2.59
C SER C 172 -31.21 7.16 -1.82
N ASN C 173 -32.04 6.35 -1.16
CA ASN C 173 -33.03 6.92 -0.25
C ASN C 173 -32.33 7.50 0.98
N THR C 174 -31.44 6.74 1.60
CA THR C 174 -30.70 7.20 2.76
C THR C 174 -29.49 8.04 2.33
N THR C 175 -29.11 8.98 3.21
CA THR C 175 -27.98 9.85 2.92
C THR C 175 -26.66 9.10 2.92
N TYR C 176 -26.61 7.92 3.54
CA TYR C 176 -25.47 7.04 3.49
C TYR C 176 -25.96 5.61 3.31
N ARG C 177 -25.10 4.78 2.74
CA ARG C 177 -25.34 3.35 2.67
C ARG C 177 -24.38 2.63 3.62
N GLN C 178 -24.82 1.50 4.15
CA GLN C 178 -23.97 0.68 4.98
C GLN C 178 -22.99 -0.10 4.11
N THR C 179 -21.82 -0.38 4.69
CA THR C 179 -20.78 -1.12 4.00
C THR C 179 -20.93 -2.63 4.13
N ILE C 180 -22.15 -3.10 4.44
CA ILE C 180 -22.44 -4.52 4.52
C ILE C 180 -23.55 -4.84 3.52
N ASN C 181 -23.79 -6.13 3.31
CA ASN C 181 -24.92 -6.57 2.50
C ASN C 181 -26.19 -6.38 3.30
N ASP C 182 -27.03 -5.45 2.87
CA ASP C 182 -28.26 -5.14 3.59
C ASP C 182 -29.27 -4.57 2.61
N SER C 183 -30.45 -5.20 2.55
CA SER C 183 -31.44 -4.84 1.55
C SER C 183 -31.90 -3.40 1.70
N PHE C 184 -31.90 -2.86 2.92
CA PHE C 184 -32.43 -1.52 3.12
C PHE C 184 -31.59 -0.48 2.39
N THR C 185 -30.27 -0.65 2.36
CA THR C 185 -29.38 0.27 1.67
C THR C 185 -28.75 -0.37 0.44
N GLU C 186 -29.46 -1.28 -0.22
CA GLU C 186 -28.95 -1.88 -1.44
C GLU C 186 -28.70 -0.80 -2.49
N GLY C 187 -27.72 -1.06 -3.36
CA GLY C 187 -27.25 -0.04 -4.27
C GLY C 187 -27.73 -0.15 -5.70
N GLY C 188 -28.13 -1.34 -6.13
CA GLY C 188 -28.57 -1.52 -7.49
C GLY C 188 -27.73 -2.53 -8.25
N TYR C 189 -27.82 -2.53 -9.58
CA TYR C 189 -27.22 -3.57 -10.39
C TYR C 189 -26.42 -2.96 -11.52
N ILE C 190 -25.21 -3.47 -11.73
CA ILE C 190 -24.35 -3.05 -12.83
C ILE C 190 -24.22 -4.23 -13.78
N SER C 191 -24.42 -3.98 -15.07
CA SER C 191 -24.39 -5.05 -16.06
C SER C 191 -23.76 -4.55 -17.34
N MET C 192 -23.26 -5.49 -18.13
CA MET C 192 -22.70 -5.18 -19.45
C MET C 192 -23.30 -6.10 -20.49
N PHE C 193 -23.57 -5.54 -21.68
CA PHE C 193 -24.21 -6.26 -22.76
C PHE C 193 -23.51 -5.89 -24.08
N TYR C 194 -23.70 -6.75 -25.07
CA TYR C 194 -23.28 -6.42 -26.43
C TYR C 194 -24.32 -5.50 -27.05
N GLN C 195 -23.89 -4.31 -27.49
CA GLN C 195 -24.83 -3.44 -28.20
C GLN C 195 -25.02 -3.94 -29.63
N THR C 196 -23.96 -3.97 -30.43
CA THR C 196 -24.05 -4.65 -31.71
C THR C 196 -23.43 -6.05 -31.67
N ARG C 197 -22.10 -6.11 -31.68
CA ARG C 197 -21.31 -7.32 -31.43
C ARG C 197 -19.86 -6.94 -31.68
N VAL C 198 -18.95 -7.80 -31.26
CA VAL C 198 -17.55 -7.64 -31.61
C VAL C 198 -17.33 -8.24 -33.00
N VAL C 199 -16.68 -7.47 -33.87
CA VAL C 199 -16.40 -7.89 -35.24
C VAL C 199 -14.89 -7.78 -35.46
N VAL C 200 -14.29 -8.83 -35.99
CA VAL C 200 -12.86 -8.84 -36.33
C VAL C 200 -12.71 -9.29 -37.78
N PRO C 201 -11.68 -8.86 -38.49
CA PRO C 201 -11.38 -9.42 -39.80
C PRO C 201 -10.73 -10.78 -39.64
N LEU C 202 -10.39 -11.40 -40.77
CA LEU C 202 -9.65 -12.64 -40.73
C LEU C 202 -8.27 -12.40 -40.14
N SER C 203 -7.62 -13.50 -39.76
CA SER C 203 -6.25 -13.46 -39.23
C SER C 203 -6.16 -12.61 -37.97
N THR C 204 -7.24 -12.58 -37.19
CA THR C 204 -7.31 -11.80 -35.96
C THR C 204 -7.89 -12.65 -34.85
N PRO C 205 -7.41 -12.51 -33.61
CA PRO C 205 -7.99 -13.28 -32.51
C PRO C 205 -9.47 -12.97 -32.38
N ARG C 206 -10.28 -14.02 -32.31
CA ARG C 206 -11.73 -13.87 -32.17
C ARG C 206 -12.18 -13.78 -30.72
N LYS C 207 -11.29 -13.99 -29.76
CA LYS C 207 -11.58 -13.83 -28.35
C LYS C 207 -10.57 -12.85 -27.75
N MET C 208 -11.07 -11.88 -27.01
CA MET C 208 -10.22 -10.89 -26.37
C MET C 208 -10.71 -10.67 -24.95
N ASP C 209 -10.00 -9.84 -24.21
CA ASP C 209 -10.30 -9.56 -22.82
C ASP C 209 -10.62 -8.09 -22.64
N ILE C 210 -11.51 -7.81 -21.70
CA ILE C 210 -11.71 -6.47 -21.17
C ILE C 210 -11.37 -6.52 -19.69
N LEU C 211 -10.83 -5.41 -19.20
CA LEU C 211 -10.47 -5.24 -17.80
C LEU C 211 -11.38 -4.18 -17.18
N GLY C 212 -11.76 -4.41 -15.94
CA GLY C 212 -12.63 -3.49 -15.21
C GLY C 212 -11.86 -2.79 -14.10
N PHE C 213 -12.14 -1.51 -13.90
CA PHE C 213 -11.59 -0.71 -12.83
C PHE C 213 -12.74 0.03 -12.16
N VAL C 214 -12.59 0.29 -10.86
CA VAL C 214 -13.57 1.07 -10.11
C VAL C 214 -12.83 2.08 -9.25
N SER C 215 -13.42 3.27 -9.12
CA SER C 215 -12.92 4.26 -8.18
C SER C 215 -14.09 5.10 -7.69
N ALA C 216 -13.78 5.97 -6.74
CA ALA C 216 -14.76 6.88 -6.16
C ALA C 216 -14.68 8.23 -6.86
N CYS C 217 -15.84 8.88 -7.01
CA CYS C 217 -15.88 10.22 -7.55
C CYS C 217 -15.51 11.22 -6.46
N ASN C 218 -15.42 12.50 -6.84
CA ASN C 218 -15.04 13.54 -5.89
C ASN C 218 -16.12 13.83 -4.86
N ASP C 219 -17.35 13.35 -5.07
CA ASP C 219 -18.43 13.53 -4.11
C ASP C 219 -18.51 12.40 -3.09
N PHE C 220 -17.54 11.51 -3.07
CA PHE C 220 -17.58 10.31 -2.26
C PHE C 220 -17.03 10.58 -0.87
N SER C 221 -17.66 9.99 0.14
CA SER C 221 -17.20 10.11 1.52
C SER C 221 -17.62 8.88 2.30
N VAL C 222 -16.95 8.67 3.42
CA VAL C 222 -17.21 7.55 4.31
C VAL C 222 -17.23 8.06 5.75
N ARG C 223 -17.78 7.25 6.65
CA ARG C 223 -17.78 7.63 8.05
C ARG C 223 -17.99 6.39 8.92
N LEU C 224 -17.79 6.61 10.23
CA LEU C 224 -17.84 5.60 11.28
C LEU C 224 -16.75 4.54 11.08
N LEU C 225 -15.50 4.97 11.28
CA LEU C 225 -14.37 4.06 11.28
C LEU C 225 -14.69 2.78 12.04
N ARG C 226 -14.16 1.67 11.54
CA ARG C 226 -14.40 0.36 12.16
C ARG C 226 -13.30 -0.58 11.71
N ASP C 227 -13.18 -1.69 12.44
CA ASP C 227 -12.22 -2.72 12.05
C ASP C 227 -12.75 -3.52 10.87
N THR C 228 -11.85 -3.93 9.99
CA THR C 228 -12.22 -4.67 8.81
C THR C 228 -12.29 -6.17 9.12
N THR C 229 -13.01 -6.88 8.27
CA THR C 229 -13.02 -8.34 8.30
C THR C 229 -11.96 -8.94 7.36
N HIS C 230 -11.18 -8.10 6.68
CA HIS C 230 -10.25 -8.57 5.67
C HIS C 230 -8.90 -9.02 6.24
N ILE C 231 -8.68 -8.87 7.53
CA ILE C 231 -7.44 -9.32 8.16
C ILE C 231 -7.79 -9.92 9.50
N SER C 232 -7.14 -11.04 9.82
CA SER C 232 -7.38 -11.75 11.07
C SER C 232 -6.07 -12.33 11.57
N GLN C 233 -6.06 -12.69 12.85
CA GLN C 233 -4.87 -13.25 13.48
C GLN C 233 -5.28 -14.43 14.35
N GLU C 234 -4.35 -15.36 14.53
CA GLU C 234 -4.59 -16.56 15.30
C GLU C 234 -3.55 -16.67 16.40
N ALA C 235 -3.95 -17.28 17.52
CA ALA C 235 -3.06 -17.46 18.65
C ALA C 235 -1.78 -18.18 18.22
C1 SPH D . 11.48 -0.09 10.54
O1 SPH D . 11.75 -1.09 11.49
C2 SPH D . 10.86 1.14 11.21
N2 SPH D . 11.35 2.34 10.56
C3 SPH D . 9.34 1.10 11.14
O3 SPH D . 8.88 -0.22 11.37
C4 SPH D . 8.72 2.04 12.13
C5 SPH D . 8.09 1.51 13.36
C6 SPH D . 6.97 2.27 14.03
C7 SPH D . 7.50 3.31 15.01
C8 SPH D . 7.31 2.84 16.45
C9 SPH D . 7.63 3.94 17.46
C10 SPH D . 8.59 3.43 18.52
C11 SPH D . 8.81 4.49 19.61
C12 SPH D . 9.70 3.94 20.72
C13 SPH D . 9.61 4.78 21.99
C14 SPH D . 9.17 3.92 23.18
C15 SPH D . 8.95 4.77 24.42
C16 SPH D . 8.63 3.91 25.64
C17 SPH D . 8.53 4.76 26.89
C18 SPH D . 7.93 3.97 28.05
O6 FHK E . -6.60 -9.55 24.60
O5 FHK E . -6.30 -7.61 23.55
C21 FHK E . -6.31 -8.91 23.59
O4 FHK E . 1.38 -9.46 21.12
C20 FHK E . 3.88 -9.47 23.05
C19 FHK E . 4.89 -9.79 23.95
C18 FHK E . 4.98 -11.07 24.48
C17 FHK E . 4.07 -12.05 24.12
O3 FHK E . 1.67 -13.70 22.87
C16 FHK E . 1.95 -12.54 22.67
C15 FHK E . 3.05 -11.72 23.23
C14 FHK E . 2.97 -10.44 22.70
C13 FHK E . 1.80 -10.40 21.78
N2 FHK E . 1.22 -11.67 21.82
C12 FHK E . -2.07 -13.21 21.03
C11 FHK E . -0.90 -12.88 21.70
C10 FHK E . 0.03 -12.05 21.11
C9 FHK E . -0.20 -11.54 19.83
C8 FHK E . -1.37 -11.85 19.17
C7 FHK E . -2.30 -12.69 19.78
O2 FHK E . -3.52 -13.42 17.61
O1 FHK E . -4.59 -13.90 19.78
S1 FHK E . -3.82 -13.03 18.95
N1 FHK E . -4.64 -11.63 18.86
C6 FHK E . -4.62 -9.64 20.29
C5 FHK E . -5.08 -10.92 20.01
C4 FHK E . -5.98 -11.52 20.89
C3 FHK E . -6.39 -10.86 22.03
C2 FHK E . -5.91 -9.60 22.32
C1 FHK E . -5.03 -8.99 21.44
#